data_4GWM
#
_entry.id   4GWM
#
_cell.length_a   69.620
_cell.length_b   71.120
_cell.length_c   85.740
_cell.angle_alpha   74.87
_cell.angle_beta   80.08
_cell.angle_gamma   65.13
#
_symmetry.space_group_name_H-M   'P 1'
#
loop_
_entity.id
_entity.type
_entity.pdbx_description
1 polymer 'Meprin A subunit beta'
2 branched beta-D-mannopyranose-(1-4)-2-acetamido-2-deoxy-beta-D-glucopyranose-(1-4)-2-acetamido-2-deoxy-beta-D-glucopyranose
3 branched alpha-D-mannopyranose-(1-3)-[alpha-D-mannopyranose-(1-6)]beta-D-mannopyranose-(1-4)-2-acetamido-2-deoxy-beta-D-glucopyranose-(1-4)-[alpha-L-fucopyranose-(1-3)][alpha-L-fucopyranose-(1-6)]2-acetamido-2-deoxy-beta-D-glucopyranose
4 branched alpha-L-fucopyranose-(1-3)-2-acetamido-2-deoxy-beta-D-glucopyranose
5 branched alpha-D-mannopyranose-(1-2)-alpha-D-mannopyranose-(1-3)-[alpha-D-mannopyranose-(1-2)-alpha-D-mannopyranose-(1-6)]alpha-D-mannopyranose-(1-6)-[alpha-D-mannopyranose-(1-3)]beta-D-mannopyranose-(1-4)-2-acetamido-2-deoxy-beta-D-glucopyranose-(1-4)-2-acetamido-2-deoxy-beta-D-glucopyranose
6 branched 2-acetamido-2-deoxy-beta-D-glucopyranose-(1-4)-2-acetamido-2-deoxy-beta-D-glucopyranose
7 branched alpha-D-mannopyranose-(1-3)-beta-D-mannopyranose-(1-4)-2-acetamido-2-deoxy-beta-D-glucopyranose-(1-4)-[alpha-L-fucopyranose-(1-3)][alpha-L-fucopyranose-(1-6)]2-acetamido-2-deoxy-beta-D-glucopyranose
8 branched alpha-L-fucopyranose-(1-3)-[2-acetamido-2-deoxy-beta-D-glucopyranose-(1-4)][alpha-L-fucopyranose-(1-6)]2-acetamido-2-deoxy-beta-D-glucopyranose
9 non-polymer 'ZINC ION'
10 non-polymer 'SODIUM ION'
11 non-polymer 2-acetamido-2-deoxy-beta-D-glucopyranose
12 non-polymer 'CHLORIDE ION'
13 non-polymer GLYCEROL
14 water water
#
_entity_poly.entity_id   1
_entity_poly.type   'polypeptide(L)'
_entity_poly.pdbx_seq_one_letter_code
;PWENFDVDGGMDQDIFDINEGLGLDLFEGDIRLDRAQIRNSIIGEKYRWPHTIPYVLEDSLEMNAKGVILNAFERYRLKT
CIDFKPWAGETNYISVFKGSGCWSSVGNRRVGKQELSIGANCDRIATVQHEFLHALGFWHEQSRSDRDDYVRIMWDRILS
GREHNFNTYSDDISDSLNVPYDYTSVMHYSKTAFQNGTEPTIVTRISDFEDVIGQRMDFSDSDLLKLNQLYNCSSSLSFM
DSCSFELENVCGMIQSSGDNADWQRVSQVPRGPESDHSNMGQCQGSGFFMHFDSSSVNVGATAVLESRTLYPKRGFQCLQ
FYLYNSGSESDQLNIYIREYSADNVDGNLTLVEEIKEIPTGSWQLYHVTLKVTKKFRVVFEGRKGSGASLGGLSIDDINL
SETRCPHHIWHIRNFTQFIGSPNGTLYSPPFYSSKGYAFQIYLNLAHVTNAGIYFHLISGANDDQLQWPCPWQQATMTLL
DQNPDIRQRMSNQRSITTDPFMTTDNGNYFWDRPSKVGTVALFSNGTQFRRGGGYGTSAFITHERLKSRDFIKGDDVYIL
LTVEDISHLNSTQIQLTPAPSVQDLCSKTTCK
;
_entity_poly.pdbx_strand_id   A,B
#
# COMPACT_ATOMS: atom_id res chain seq x y z
N GLU A 3 32.97 17.24 30.42
CA GLU A 3 33.36 18.33 29.51
C GLU A 3 32.65 18.21 28.12
N ASN A 4 31.53 17.48 28.03
CA ASN A 4 30.84 17.36 26.75
C ASN A 4 30.00 18.61 26.48
N PHE A 5 29.77 18.94 25.19
CA PHE A 5 28.99 20.11 24.82
C PHE A 5 27.63 19.64 24.31
N ASP A 6 26.56 20.08 24.97
CA ASP A 6 25.19 19.73 24.59
C ASP A 6 24.56 20.89 23.79
N VAL A 7 24.30 20.67 22.48
CA VAL A 7 23.73 21.69 21.60
C VAL A 7 22.31 22.07 22.02
N ASP A 8 21.62 21.18 22.73
CA ASP A 8 20.25 21.41 23.17
C ASP A 8 20.16 21.99 24.59
N GLY A 9 21.31 22.31 25.18
CA GLY A 9 21.43 22.96 26.48
C GLY A 9 20.63 22.36 27.63
N GLY A 10 20.60 21.04 27.70
CA GLY A 10 19.90 20.31 28.76
C GLY A 10 18.40 20.31 28.64
N MET A 11 17.89 20.73 27.49
CA MET A 11 16.46 20.77 27.22
C MET A 11 16.09 19.98 25.98
N ASP A 12 14.77 19.78 25.76
CA ASP A 12 14.23 19.14 24.56
C ASP A 12 13.17 20.06 24.00
N GLN A 13 13.63 21.19 23.44
CA GLN A 13 12.76 22.21 22.87
C GLN A 13 12.31 21.87 21.42
N ASP A 14 11.00 21.84 21.15
CA ASP A 14 10.50 21.61 19.76
C ASP A 14 10.52 23.00 19.03
N ILE A 15 10.12 23.05 17.76
CA ILE A 15 9.97 24.29 16.98
C ILE A 15 9.21 25.32 17.81
N PHE A 16 8.08 24.89 18.37
CA PHE A 16 7.15 25.70 19.15
C PHE A 16 7.73 26.18 20.48
N ASP A 17 8.72 25.47 21.04
CA ASP A 17 9.38 25.97 22.26
C ASP A 17 10.43 26.99 21.88
N ILE A 18 11.12 26.79 20.73
CA ILE A 18 12.15 27.73 20.26
C ILE A 18 11.49 29.09 19.97
N ASN A 19 10.44 29.11 19.11
CA ASN A 19 9.76 30.36 18.71
C ASN A 19 9.03 31.04 19.88
N GLU A 20 8.40 30.26 20.80
CA GLU A 20 7.74 30.81 22.00
C GLU A 20 8.73 31.56 22.87
N GLY A 21 9.90 30.97 23.07
CA GLY A 21 11.00 31.54 23.85
C GLY A 21 11.56 32.82 23.27
N LEU A 22 11.30 33.10 21.97
CA LEU A 22 11.76 34.32 21.28
C LEU A 22 10.65 35.37 21.19
N GLY A 23 9.40 35.00 21.51
CA GLY A 23 8.23 35.87 21.46
C GLY A 23 7.87 36.35 20.06
N LEU A 24 7.91 35.44 19.07
CA LEU A 24 7.67 35.77 17.64
C LEU A 24 6.21 36.09 17.31
N ASP A 25 5.28 35.46 18.05
CA ASP A 25 3.82 35.62 17.90
C ASP A 25 3.34 35.33 16.43
N LEU A 26 3.91 34.29 15.80
CA LEU A 26 3.48 33.86 14.46
C LEU A 26 2.21 33.01 14.60
N PHE A 27 1.48 32.80 13.50
CA PHE A 27 0.31 31.95 13.50
C PHE A 27 0.71 30.52 13.85
N GLU A 28 0.11 29.99 14.92
CA GLU A 28 0.38 28.64 15.42
C GLU A 28 1.89 28.41 15.66
N GLY A 29 2.57 29.45 16.13
CA GLY A 29 3.97 29.39 16.48
C GLY A 29 5.00 29.52 15.38
N ASP A 30 4.73 29.04 14.16
CA ASP A 30 5.78 29.08 13.14
C ASP A 30 5.25 29.38 11.72
N ILE A 31 4.01 29.81 11.57
CA ILE A 31 3.47 30.10 10.23
C ILE A 31 3.42 31.62 10.01
N ARG A 32 4.02 32.08 8.92
CA ARG A 32 3.97 33.51 8.60
C ARG A 32 2.79 33.70 7.64
N LEU A 33 1.66 34.23 8.14
CA LEU A 33 0.49 34.40 7.27
C LEU A 33 0.70 35.52 6.28
N ASP A 34 0.19 35.31 5.06
CA ASP A 34 0.27 36.31 4.02
C ASP A 34 -0.87 37.31 4.23
N ARG A 35 -0.80 38.46 3.56
CA ARG A 35 -1.85 39.47 3.63
C ARG A 35 -3.19 38.84 3.19
N ALA A 36 -4.18 38.94 4.11
CA ALA A 36 -5.57 38.48 3.99
C ALA A 36 -5.70 36.98 3.72
N GLN A 37 -4.65 36.19 4.07
CA GLN A 37 -4.70 34.75 3.93
C GLN A 37 -5.60 34.18 5.01
N ILE A 38 -6.51 33.27 4.64
CA ILE A 38 -7.43 32.67 5.59
C ILE A 38 -6.68 31.54 6.30
N ARG A 39 -6.71 31.57 7.64
CA ARG A 39 -6.07 30.58 8.51
C ARG A 39 -6.62 29.21 8.24
N ASN A 40 -5.72 28.22 8.09
CA ASN A 40 -6.03 26.82 7.87
C ASN A 40 -6.98 26.62 6.66
N SER A 41 -6.77 27.38 5.58
CA SER A 41 -7.60 27.30 4.37
C SER A 41 -6.93 26.46 3.31
N ILE A 42 -7.74 25.94 2.36
CA ILE A 42 -7.24 25.17 1.24
C ILE A 42 -6.36 26.06 0.36
N ILE A 43 -5.14 25.61 0.09
CA ILE A 43 -4.18 26.31 -0.75
C ILE A 43 -4.52 25.99 -2.21
N GLY A 44 -4.89 27.02 -2.95
CA GLY A 44 -5.24 26.87 -4.36
C GLY A 44 -4.05 26.56 -5.25
N GLU A 45 -4.33 26.04 -6.44
CA GLU A 45 -3.37 25.67 -7.49
C GLU A 45 -2.39 26.82 -7.83
N LYS A 46 -2.85 28.09 -7.77
CA LYS A 46 -1.99 29.24 -8.06
C LYS A 46 -0.89 29.42 -6.99
N TYR A 47 -1.11 28.91 -5.77
CA TYR A 47 -0.13 29.10 -4.70
C TYR A 47 0.68 27.85 -4.44
N ARG A 48 0.98 27.12 -5.51
CA ARG A 48 1.78 25.90 -5.41
C ARG A 48 3.12 26.05 -6.12
N TRP A 49 4.17 25.38 -5.61
CA TRP A 49 5.48 25.39 -6.26
C TRP A 49 5.48 24.46 -7.46
N PRO A 50 6.41 24.61 -8.42
CA PRO A 50 6.56 23.54 -9.46
C PRO A 50 7.17 22.31 -8.81
N HIS A 51 7.25 21.17 -9.54
CA HIS A 51 7.82 19.91 -9.02
C HIS A 51 9.26 20.09 -8.58
N THR A 52 10.00 21.04 -9.21
CA THR A 52 11.38 21.32 -8.81
C THR A 52 11.43 22.74 -8.22
N ILE A 53 11.83 22.83 -6.95
CA ILE A 53 11.85 24.10 -6.24
C ILE A 53 13.23 24.72 -6.30
N PRO A 54 13.32 25.99 -6.83
CA PRO A 54 14.62 26.69 -6.82
C PRO A 54 14.88 27.22 -5.41
N TYR A 55 16.13 27.11 -4.94
CA TYR A 55 16.45 27.57 -3.60
C TYR A 55 17.79 28.28 -3.56
N VAL A 56 17.97 29.07 -2.48
CA VAL A 56 19.22 29.69 -2.12
C VAL A 56 19.43 29.40 -0.66
N LEU A 57 20.62 28.92 -0.30
CA LEU A 57 21.02 28.77 1.09
C LEU A 57 21.83 30.02 1.39
N GLU A 58 21.23 30.99 2.08
CA GLU A 58 21.88 32.28 2.33
C GLU A 58 23.08 32.15 3.27
N ASP A 59 24.07 33.07 3.15
CA ASP A 59 25.31 33.07 3.93
C ASP A 59 25.11 33.21 5.43
N SER A 60 23.94 33.75 5.86
CA SER A 60 23.66 33.91 7.30
C SER A 60 23.46 32.52 7.96
N LEU A 61 23.12 31.47 7.19
CA LEU A 61 22.92 30.14 7.78
C LEU A 61 24.18 29.60 8.44
N GLU A 62 24.01 28.93 9.58
CA GLU A 62 25.12 28.25 10.24
C GLU A 62 25.59 27.14 9.29
N MET A 63 26.87 26.82 9.30
CA MET A 63 27.43 25.74 8.48
C MET A 63 26.70 24.40 8.70
N ASN A 64 26.41 24.03 9.96
CA ASN A 64 25.67 22.78 10.24
C ASN A 64 24.29 22.80 9.63
N ALA A 65 23.64 23.97 9.67
CA ALA A 65 22.28 24.13 9.11
C ALA A 65 22.29 23.90 7.59
N LYS A 66 23.30 24.41 6.89
CA LYS A 66 23.40 24.23 5.43
C LYS A 66 23.48 22.75 5.10
N GLY A 67 24.31 21.99 5.82
CA GLY A 67 24.40 20.54 5.61
C GLY A 67 23.13 19.79 5.91
N VAL A 68 22.46 20.17 7.01
CA VAL A 68 21.20 19.55 7.44
C VAL A 68 20.10 19.80 6.37
N ILE A 69 20.03 21.03 5.83
CA ILE A 69 19.02 21.36 4.81
C ILE A 69 19.24 20.49 3.59
N LEU A 70 20.49 20.35 3.13
CA LEU A 70 20.77 19.51 1.95
C LEU A 70 20.43 18.05 2.24
N ASN A 71 20.59 17.61 3.53
CA ASN A 71 20.18 16.26 3.95
C ASN A 71 18.67 16.13 3.85
N ALA A 72 17.92 17.19 4.23
CA ALA A 72 16.44 17.20 4.14
C ALA A 72 16.02 17.05 2.68
N PHE A 73 16.73 17.71 1.75
CA PHE A 73 16.39 17.59 0.31
C PHE A 73 16.53 16.14 -0.17
N GLU A 74 17.55 15.42 0.35
CA GLU A 74 17.77 14.02 0.00
C GLU A 74 16.59 13.16 0.48
N ARG A 75 15.95 13.51 1.64
CA ARG A 75 14.75 12.75 2.06
C ARG A 75 13.59 12.99 1.08
N TYR A 76 13.40 14.25 0.62
CA TYR A 76 12.37 14.57 -0.36
C TYR A 76 12.66 13.79 -1.64
N ARG A 77 13.95 13.69 -2.05
CA ARG A 77 14.32 12.98 -3.30
C ARG A 77 14.11 11.48 -3.20
N LEU A 78 14.16 10.91 -2.00
CA LEU A 78 13.92 9.47 -1.87
C LEU A 78 12.42 9.12 -1.80
N LYS A 79 11.64 9.94 -1.10
CA LYS A 79 10.28 9.58 -0.79
C LYS A 79 9.19 10.29 -1.60
N THR A 80 9.57 11.29 -2.42
CA THR A 80 8.58 12.05 -3.21
C THR A 80 9.10 12.32 -4.64
N CYS A 81 8.26 12.91 -5.51
CA CYS A 81 8.77 13.33 -6.82
C CYS A 81 9.13 14.85 -6.79
N ILE A 82 9.22 15.45 -5.56
CA ILE A 82 9.67 16.86 -5.36
C ILE A 82 11.17 16.86 -5.38
N ASP A 83 11.74 17.84 -6.11
CA ASP A 83 13.18 18.00 -6.17
C ASP A 83 13.50 19.46 -5.90
N PHE A 84 14.76 19.72 -5.62
CA PHE A 84 15.25 21.04 -5.30
C PHE A 84 16.43 21.34 -6.16
N LYS A 85 16.53 22.58 -6.65
CA LYS A 85 17.69 22.91 -7.46
C LYS A 85 18.18 24.30 -7.10
N PRO A 86 19.49 24.56 -7.14
CA PRO A 86 19.97 25.92 -6.89
C PRO A 86 19.29 26.93 -7.81
N TRP A 87 18.89 28.08 -7.25
CA TRP A 87 18.22 29.13 -7.98
C TRP A 87 19.07 29.57 -9.15
N ALA A 88 18.47 29.65 -10.34
CA ALA A 88 19.19 30.07 -11.55
C ALA A 88 18.45 31.20 -12.27
N GLY A 89 17.67 31.98 -11.53
CA GLY A 89 16.96 33.12 -12.10
C GLY A 89 15.46 32.98 -12.25
N GLU A 90 14.88 31.86 -11.81
CA GLU A 90 13.42 31.63 -11.82
C GLU A 90 12.74 32.78 -11.07
N THR A 91 11.48 33.09 -11.41
CA THR A 91 10.75 34.21 -10.84
C THR A 91 10.52 34.02 -9.33
N ASN A 92 10.16 32.80 -8.89
CA ASN A 92 9.94 32.55 -7.46
C ASN A 92 10.91 31.52 -6.95
N TYR A 93 11.46 31.74 -5.76
CA TYR A 93 12.38 30.77 -5.17
C TYR A 93 12.33 30.88 -3.65
N ILE A 94 12.86 29.86 -2.97
CA ILE A 94 12.89 29.85 -1.51
C ILE A 94 14.25 30.29 -1.07
N SER A 95 14.28 31.34 -0.25
CA SER A 95 15.49 31.88 0.32
C SER A 95 15.59 31.37 1.75
N VAL A 96 16.45 30.39 1.99
CA VAL A 96 16.60 29.80 3.34
C VAL A 96 17.65 30.63 4.06
N PHE A 97 17.31 31.18 5.23
CA PHE A 97 18.24 32.08 5.91
C PHE A 97 18.16 31.94 7.41
N LYS A 98 19.13 32.53 8.13
CA LYS A 98 19.10 32.45 9.57
C LYS A 98 18.30 33.63 10.13
N GLY A 99 16.98 33.45 10.27
CA GLY A 99 16.14 34.46 10.89
C GLY A 99 16.01 34.10 12.37
N SER A 100 15.04 34.70 13.06
CA SER A 100 14.77 34.39 14.46
C SER A 100 13.80 33.20 14.48
N GLY A 101 14.24 32.07 15.02
CA GLY A 101 13.41 30.86 15.07
C GLY A 101 13.28 30.13 13.74
N CYS A 102 12.34 29.17 13.68
CA CYS A 102 12.08 28.35 12.49
C CYS A 102 10.71 28.71 12.02
N TRP A 103 10.57 29.10 10.75
CA TRP A 103 9.25 29.48 10.25
C TRP A 103 9.21 29.51 8.72
N SER A 104 8.00 29.57 8.18
CA SER A 104 7.75 29.61 6.74
C SER A 104 6.37 30.19 6.48
N SER A 105 6.16 30.69 5.25
CA SER A 105 4.86 31.03 4.72
C SER A 105 4.20 29.70 4.34
N VAL A 106 2.88 29.68 4.13
CA VAL A 106 2.22 28.45 3.71
C VAL A 106 1.89 28.61 2.20
N GLY A 107 2.52 27.78 1.36
CA GLY A 107 2.36 27.81 -0.09
C GLY A 107 3.39 28.67 -0.78
N ASN A 108 3.38 28.63 -2.12
CA ASN A 108 4.17 29.51 -2.98
C ASN A 108 3.43 30.82 -3.01
N ARG A 109 3.92 31.85 -2.29
CA ARG A 109 3.19 33.12 -2.24
C ARG A 109 3.34 33.95 -3.51
N ARG A 110 4.18 33.49 -4.47
CA ARG A 110 4.43 34.20 -5.74
C ARG A 110 4.87 35.64 -5.48
N VAL A 111 5.89 35.80 -4.62
CA VAL A 111 6.42 37.13 -4.23
C VAL A 111 7.87 37.30 -4.70
N GLY A 112 8.35 36.34 -5.49
CA GLY A 112 9.73 36.30 -5.95
C GLY A 112 10.58 35.58 -4.93
N LYS A 113 11.41 36.33 -4.20
CA LYS A 113 12.22 35.75 -3.14
C LYS A 113 11.31 35.49 -1.93
N GLN A 114 11.14 34.21 -1.58
CA GLN A 114 10.29 33.85 -0.46
C GLN A 114 11.14 33.29 0.68
N GLU A 115 11.14 33.97 1.82
CA GLU A 115 11.94 33.59 2.98
C GLU A 115 11.40 32.38 3.72
N LEU A 116 12.33 31.57 4.23
CA LEU A 116 12.08 30.43 5.09
C LEU A 116 13.20 30.50 6.13
N SER A 117 12.87 30.61 7.42
CA SER A 117 13.92 30.73 8.42
C SER A 117 14.27 29.42 9.06
N ILE A 118 15.57 29.14 9.13
CA ILE A 118 16.18 28.03 9.85
C ILE A 118 17.16 28.74 10.78
N GLY A 119 16.68 29.20 11.92
CA GLY A 119 17.50 29.98 12.83
C GLY A 119 18.31 29.13 13.78
N ALA A 120 18.86 29.75 14.81
CA ALA A 120 19.60 29.02 15.82
C ALA A 120 18.69 27.95 16.45
N ASN A 121 19.22 26.74 16.62
CA ASN A 121 18.55 25.55 17.19
C ASN A 121 17.52 24.91 16.23
N CYS A 122 17.39 25.42 15.00
CA CYS A 122 16.44 24.86 14.02
C CYS A 122 17.13 23.86 13.06
N ASP A 123 18.46 23.66 13.21
CA ASP A 123 19.25 22.79 12.33
C ASP A 123 19.04 21.30 12.71
N ARG A 124 17.80 20.84 12.53
CA ARG A 124 17.37 19.45 12.74
C ARG A 124 16.64 19.09 11.46
N ILE A 125 16.92 17.91 10.89
CA ILE A 125 16.37 17.54 9.59
C ILE A 125 14.84 17.56 9.59
N ALA A 126 14.18 17.10 10.67
CA ALA A 126 12.70 17.07 10.65
C ALA A 126 12.14 18.50 10.78
N THR A 127 12.89 19.41 11.43
CA THR A 127 12.43 20.81 11.47
C THR A 127 12.43 21.37 10.04
N VAL A 128 13.53 21.12 9.30
CA VAL A 128 13.65 21.57 7.91
C VAL A 128 12.51 20.96 7.09
N GLN A 129 12.25 19.65 7.24
CA GLN A 129 11.19 18.97 6.51
C GLN A 129 9.82 19.62 6.81
N HIS A 130 9.55 19.91 8.09
CA HIS A 130 8.32 20.55 8.57
C HIS A 130 8.16 21.94 7.92
N GLU A 131 9.21 22.76 7.96
CA GLU A 131 9.11 24.11 7.37
C GLU A 131 8.91 24.06 5.85
N PHE A 132 9.54 23.12 5.16
CA PHE A 132 9.35 22.99 3.73
C PHE A 132 7.97 22.42 3.40
N LEU A 133 7.33 21.65 4.32
CA LEU A 133 5.94 21.22 4.07
C LEU A 133 5.01 22.43 4.15
N HIS A 134 5.28 23.36 5.07
CA HIS A 134 4.52 24.64 5.08
C HIS A 134 4.72 25.33 3.72
N ALA A 135 5.98 25.45 3.26
CA ALA A 135 6.25 26.13 1.95
C ALA A 135 5.48 25.46 0.84
N LEU A 136 5.33 24.13 0.90
CA LEU A 136 4.62 23.36 -0.12
C LEU A 136 3.09 23.52 -0.05
N GLY A 137 2.56 24.10 1.05
CA GLY A 137 1.15 24.40 1.23
C GLY A 137 0.40 23.65 2.33
N PHE A 138 1.11 23.09 3.30
CA PHE A 138 0.47 22.30 4.37
C PHE A 138 0.41 23.07 5.69
N TRP A 139 -0.68 22.90 6.45
CA TRP A 139 -0.89 23.57 7.75
C TRP A 139 -0.51 22.58 8.83
N HIS A 140 -0.95 22.78 10.09
CA HIS A 140 -0.67 21.78 11.12
C HIS A 140 -1.81 20.77 11.20
N GLU A 141 -1.55 19.61 11.78
CA GLU A 141 -2.56 18.56 11.87
C GLU A 141 -3.60 18.80 12.98
N GLN A 142 -3.19 19.28 14.17
CA GLN A 142 -4.11 19.38 15.31
C GLN A 142 -5.17 20.48 15.18
N SER A 143 -5.14 21.27 14.10
CA SER A 143 -6.07 22.35 13.86
C SER A 143 -7.26 21.92 12.98
N ARG A 144 -7.26 20.66 12.53
CA ARG A 144 -8.36 20.13 11.72
C ARG A 144 -9.68 20.42 12.40
N SER A 145 -10.77 20.62 11.65
CA SER A 145 -12.06 20.96 12.27
C SER A 145 -12.64 19.80 13.13
N ASP A 146 -12.18 18.57 12.89
CA ASP A 146 -12.64 17.39 13.64
C ASP A 146 -11.64 16.97 14.72
N ARG A 147 -10.61 17.80 15.01
CA ARG A 147 -9.52 17.44 15.93
C ARG A 147 -10.01 17.04 17.35
N ASP A 148 -11.12 17.63 17.85
CA ASP A 148 -11.63 17.31 19.20
C ASP A 148 -12.17 15.89 19.29
N ASP A 149 -12.35 15.20 18.13
CA ASP A 149 -12.75 13.79 18.11
C ASP A 149 -11.55 12.88 18.33
N TYR A 150 -10.34 13.43 18.20
CA TYR A 150 -9.11 12.64 18.29
C TYR A 150 -8.21 13.06 19.43
N VAL A 151 -8.24 14.33 19.81
CA VAL A 151 -7.42 14.81 20.93
C VAL A 151 -8.29 15.65 21.84
N ARG A 152 -7.84 15.83 23.07
CA ARG A 152 -8.50 16.70 24.04
C ARG A 152 -7.53 17.81 24.40
N ILE A 153 -7.96 19.06 24.27
CA ILE A 153 -7.13 20.20 24.65
C ILE A 153 -7.41 20.49 26.13
N MET A 154 -6.35 20.47 26.95
CA MET A 154 -6.43 20.75 28.40
C MET A 154 -6.18 22.24 28.56
N TRP A 155 -7.22 23.05 28.33
CA TRP A 155 -7.17 24.51 28.33
C TRP A 155 -6.55 25.12 29.59
N ASP A 156 -6.82 24.52 30.77
CA ASP A 156 -6.29 25.03 32.04
C ASP A 156 -4.77 24.87 32.20
N ARG A 157 -4.13 24.04 31.36
CA ARG A 157 -2.69 23.76 31.39
C ARG A 157 -1.90 24.59 30.39
N ILE A 158 -2.60 25.37 29.54
CA ILE A 158 -1.93 26.22 28.55
C ILE A 158 -1.51 27.50 29.25
N LEU A 159 -0.28 27.97 28.96
CA LEU A 159 0.26 29.26 29.44
C LEU A 159 -0.71 30.37 29.05
N SER A 160 -0.99 31.28 29.98
CA SER A 160 -1.87 32.44 29.77
C SER A 160 -1.44 33.20 28.51
N GLY A 161 -2.40 33.53 27.66
CA GLY A 161 -2.11 34.25 26.43
C GLY A 161 -1.64 33.39 25.27
N ARG A 162 -1.55 32.05 25.44
CA ARG A 162 -1.13 31.14 24.35
C ARG A 162 -2.28 30.22 23.91
N GLU A 163 -3.51 30.45 24.45
CA GLU A 163 -4.71 29.65 24.15
C GLU A 163 -5.13 29.76 22.68
N HIS A 164 -4.92 30.94 22.04
CA HIS A 164 -5.25 31.21 20.62
C HIS A 164 -4.51 30.30 19.61
N ASN A 165 -3.35 29.73 20.00
CA ASN A 165 -2.59 28.78 19.15
C ASN A 165 -3.34 27.47 18.95
N PHE A 166 -4.43 27.28 19.70
CA PHE A 166 -5.23 26.03 19.64
C PHE A 166 -6.59 26.30 18.98
N ASN A 167 -6.76 27.47 18.36
CA ASN A 167 -8.03 27.78 17.68
C ASN A 167 -8.20 26.92 16.43
N THR A 168 -9.46 26.55 16.15
CA THR A 168 -9.82 25.82 14.93
C THR A 168 -10.69 26.72 14.09
N TYR A 169 -10.74 26.46 12.77
CA TYR A 169 -11.51 27.25 11.83
C TYR A 169 -12.42 26.31 11.00
N SER A 170 -13.26 26.85 10.07
CA SER A 170 -14.16 26.00 9.28
C SER A 170 -13.50 25.62 7.95
N ASP A 171 -13.43 24.29 7.65
CA ASP A 171 -12.84 23.78 6.40
C ASP A 171 -13.48 22.46 5.99
N ASN A 178 -10.77 11.52 2.19
CA ASN A 178 -10.01 12.29 3.17
C ASN A 178 -9.19 11.32 4.03
N VAL A 179 -8.00 11.76 4.37
CA VAL A 179 -7.04 10.96 5.12
C VAL A 179 -7.39 11.00 6.62
N PRO A 180 -7.37 9.84 7.34
CA PRO A 180 -7.68 9.87 8.78
C PRO A 180 -6.73 10.80 9.56
N TYR A 181 -7.22 11.36 10.69
CA TYR A 181 -6.43 12.20 11.58
C TYR A 181 -5.09 11.54 11.78
N ASP A 182 -3.99 12.25 11.57
CA ASP A 182 -2.66 11.64 11.64
C ASP A 182 -1.91 12.03 12.89
N TYR A 183 -1.96 11.18 13.92
CA TYR A 183 -1.21 11.43 15.15
C TYR A 183 0.30 11.50 14.95
N THR A 184 0.82 10.80 13.94
CA THR A 184 2.24 10.63 13.65
C THR A 184 2.75 11.72 12.70
N SER A 185 1.87 12.67 12.28
CA SER A 185 2.30 13.71 11.36
C SER A 185 3.49 14.51 11.91
N VAL A 186 4.42 14.87 11.02
CA VAL A 186 5.54 15.72 11.43
C VAL A 186 5.00 17.14 11.64
N MET A 187 3.71 17.36 11.29
CA MET A 187 3.05 18.68 11.37
C MET A 187 2.13 18.77 12.59
N HIS A 188 2.23 17.81 13.53
CA HIS A 188 1.38 17.81 14.73
C HIS A 188 2.14 18.36 15.92
N TYR A 189 1.49 19.22 16.74
CA TYR A 189 2.07 19.66 18.03
C TYR A 189 2.40 18.47 18.96
N SER A 190 3.37 18.63 19.88
CA SER A 190 3.62 17.60 20.89
C SER A 190 2.61 17.75 22.01
N LYS A 191 2.51 16.74 22.90
CA LYS A 191 1.61 16.80 24.04
C LYS A 191 1.97 17.94 25.03
N THR A 192 3.19 18.48 24.92
CA THR A 192 3.69 19.54 25.83
C THR A 192 3.54 20.95 25.25
N ALA A 193 3.00 21.10 24.01
CA ALA A 193 2.84 22.40 23.30
C ALA A 193 2.22 23.46 24.21
N PHE A 194 2.98 24.55 24.44
CA PHE A 194 2.57 25.72 25.24
C PHE A 194 2.11 25.38 26.68
N GLN A 195 2.65 24.29 27.27
CA GLN A 195 2.28 23.86 28.62
C GLN A 195 2.84 24.77 29.68
N ASN A 196 2.06 24.88 30.73
CA ASN A 196 2.40 25.57 31.95
C ASN A 196 2.42 24.45 32.97
N GLY A 197 3.61 24.02 33.34
CA GLY A 197 3.78 22.92 34.27
C GLY A 197 4.32 21.65 33.64
N THR A 198 4.10 20.52 34.32
CA THR A 198 4.60 19.21 33.89
C THR A 198 3.50 18.34 33.22
N GLU A 199 2.25 18.85 33.17
CA GLU A 199 1.11 18.10 32.63
C GLU A 199 0.85 18.44 31.15
N PRO A 200 0.48 17.45 30.32
CA PRO A 200 0.29 17.73 28.89
C PRO A 200 -0.93 18.58 28.56
N THR A 201 -0.80 19.46 27.55
CA THR A 201 -1.92 20.31 27.06
C THR A 201 -2.74 19.58 25.99
N ILE A 202 -2.16 18.54 25.34
CA ILE A 202 -2.90 17.74 24.36
C ILE A 202 -2.86 16.28 24.76
N VAL A 203 -4.04 15.69 25.00
CA VAL A 203 -4.17 14.28 25.40
C VAL A 203 -4.87 13.54 24.27
N THR A 204 -4.20 12.55 23.65
CA THR A 204 -4.84 11.80 22.57
C THR A 204 -5.95 10.93 23.20
N ARG A 205 -7.16 10.87 22.56
CA ARG A 205 -8.31 10.09 23.05
C ARG A 205 -7.97 8.59 22.96
N ILE A 206 -7.08 8.18 22.02
CA ILE A 206 -6.55 6.79 21.93
C ILE A 206 -5.22 6.86 22.74
N SER A 207 -5.15 6.20 23.93
CA SER A 207 -4.02 6.28 24.88
C SER A 207 -2.67 5.87 24.27
N ASP A 208 -2.67 4.97 23.26
CA ASP A 208 -1.50 4.47 22.51
C ASP A 208 -0.67 5.59 21.83
N PHE A 209 -1.32 6.71 21.51
CA PHE A 209 -0.69 7.81 20.81
C PHE A 209 -0.30 8.98 21.72
N GLU A 210 -0.51 8.86 23.04
CA GLU A 210 -0.20 9.96 23.96
C GLU A 210 1.22 10.50 23.76
N ASP A 211 2.20 9.59 23.60
CA ASP A 211 3.61 10.00 23.43
C ASP A 211 4.06 9.91 21.96
N VAL A 212 3.14 9.63 21.04
CA VAL A 212 3.46 9.57 19.63
C VAL A 212 3.35 10.97 19.04
N ILE A 213 2.31 11.74 19.42
CA ILE A 213 2.12 13.07 18.83
C ILE A 213 3.33 13.93 19.08
N GLY A 214 3.66 14.75 18.07
CA GLY A 214 4.83 15.62 18.11
C GLY A 214 6.09 14.93 17.63
N GLN A 215 5.98 13.88 16.78
CA GLN A 215 7.21 13.22 16.35
C GLN A 215 8.00 14.11 15.41
N ARG A 216 9.30 14.10 15.61
CA ARG A 216 10.19 14.95 14.80
C ARG A 216 11.36 14.08 14.27
N MET A 217 11.02 12.96 13.65
CA MET A 217 12.02 12.06 13.12
C MET A 217 12.08 12.16 11.61
N ASP A 218 10.90 12.16 10.96
CA ASP A 218 10.78 12.19 9.49
C ASP A 218 9.34 12.46 9.10
N PHE A 219 9.05 12.41 7.80
CA PHE A 219 7.67 12.44 7.32
C PHE A 219 6.92 11.24 7.84
N SER A 220 5.63 11.38 8.13
CA SER A 220 4.85 10.17 8.39
C SER A 220 4.33 9.61 7.06
N ASP A 221 3.80 8.37 7.06
CA ASP A 221 3.17 7.79 5.85
C ASP A 221 2.04 8.69 5.31
N SER A 222 1.24 9.28 6.21
CA SER A 222 0.16 10.17 5.72
C SER A 222 0.70 11.49 5.22
N ASP A 223 1.80 12.01 5.80
CA ASP A 223 2.41 13.25 5.27
C ASP A 223 2.82 13.02 3.82
N LEU A 224 3.45 11.84 3.54
CA LEU A 224 3.91 11.49 2.21
C LEU A 224 2.79 11.24 1.26
N LEU A 225 1.71 10.56 1.71
CA LEU A 225 0.56 10.32 0.82
C LEU A 225 -0.03 11.64 0.33
N LYS A 226 -0.23 12.60 1.24
CA LYS A 226 -0.82 13.89 0.87
C LYS A 226 0.08 14.63 -0.10
N LEU A 227 1.38 14.62 0.13
CA LEU A 227 2.30 15.35 -0.75
C LEU A 227 2.41 14.65 -2.11
N ASN A 228 2.54 13.32 -2.11
CA ASN A 228 2.67 12.56 -3.36
C ASN A 228 1.39 12.62 -4.18
N GLN A 229 0.23 12.63 -3.53
CA GLN A 229 -1.04 12.79 -4.27
C GLN A 229 -1.13 14.19 -4.88
N LEU A 230 -0.69 15.22 -4.15
CA LEU A 230 -0.72 16.60 -4.64
C LEU A 230 0.14 16.77 -5.89
N TYR A 231 1.29 16.10 -5.97
CA TYR A 231 2.19 16.24 -7.12
C TYR A 231 2.15 15.06 -8.05
N ASN A 232 1.13 14.21 -7.93
CA ASN A 232 0.94 13.05 -8.81
C ASN A 232 2.20 12.18 -8.92
N CYS A 233 2.86 11.92 -7.80
CA CYS A 233 4.14 11.20 -7.83
C CYS A 233 3.92 9.70 -8.03
N SER A 234 4.56 9.14 -9.05
CA SER A 234 4.52 7.69 -9.26
C SER A 234 5.93 7.11 -9.06
N SER A 235 6.93 7.99 -8.88
CA SER A 235 8.31 7.61 -8.63
C SER A 235 9.03 8.70 -7.82
N SER A 236 10.29 8.48 -7.47
CA SER A 236 11.06 9.53 -6.82
C SER A 236 12.37 9.60 -7.53
N LEU A 237 13.25 10.53 -7.18
CA LEU A 237 14.54 10.57 -7.86
C LEU A 237 15.43 9.39 -7.42
N SER A 238 15.40 9.03 -6.13
CA SER A 238 16.38 8.06 -5.70
C SER A 238 15.85 6.72 -5.20
N PHE A 239 14.55 6.48 -5.17
CA PHE A 239 14.11 5.13 -4.80
C PHE A 239 14.28 4.19 -6.02
N MET A 240 14.81 2.97 -5.82
CA MET A 240 14.94 2.01 -6.92
C MET A 240 14.11 0.76 -6.68
N ASP A 241 14.26 0.10 -5.51
CA ASP A 241 13.50 -1.14 -5.29
C ASP A 241 13.53 -1.52 -3.81
N SER A 242 12.51 -2.24 -3.38
CA SER A 242 12.40 -2.79 -2.02
C SER A 242 11.76 -4.16 -2.16
N CYS A 243 12.41 -5.19 -1.63
CA CYS A 243 11.86 -6.54 -1.77
C CYS A 243 11.90 -7.29 -0.44
N SER A 244 10.73 -7.72 0.05
CA SER A 244 10.64 -8.45 1.31
C SER A 244 10.11 -9.83 1.11
N PHE A 245 9.95 -10.22 -0.16
CA PHE A 245 9.49 -11.57 -0.58
C PHE A 245 8.08 -11.89 -0.08
N GLU A 246 7.27 -10.86 0.18
CA GLU A 246 5.95 -11.10 0.71
C GLU A 246 4.99 -11.75 -0.33
N LEU A 247 5.25 -11.60 -1.65
CA LEU A 247 4.38 -12.21 -2.69
C LEU A 247 5.12 -13.30 -3.41
N GLU A 248 4.39 -14.26 -4.00
CA GLU A 248 4.95 -15.42 -4.69
C GLU A 248 5.79 -15.08 -5.93
N ASN A 249 5.57 -13.93 -6.58
CA ASN A 249 6.33 -13.55 -7.78
C ASN A 249 7.64 -12.87 -7.37
N VAL A 250 7.86 -12.71 -6.05
CA VAL A 250 9.12 -12.20 -5.44
C VAL A 250 9.71 -11.00 -6.20
N CYS A 251 8.89 -9.97 -6.45
CA CYS A 251 9.28 -8.69 -7.06
C CYS A 251 10.00 -8.87 -8.42
N GLY A 252 9.69 -9.93 -9.14
CA GLY A 252 10.29 -10.14 -10.45
C GLY A 252 11.71 -10.73 -10.40
N MET A 253 12.17 -11.17 -9.21
CA MET A 253 13.51 -11.78 -9.10
C MET A 253 13.48 -13.16 -9.73
N ILE A 254 14.58 -13.58 -10.36
CA ILE A 254 14.65 -14.88 -11.01
C ILE A 254 15.84 -15.68 -10.38
N GLN A 255 15.54 -16.85 -9.74
CA GLN A 255 16.50 -17.78 -9.12
C GLN A 255 16.96 -18.77 -10.17
N SER A 256 18.27 -19.16 -10.17
CA SER A 256 18.81 -20.17 -11.09
C SER A 256 20.15 -20.78 -10.58
N SER A 257 20.51 -21.93 -11.13
CA SER A 257 21.72 -22.63 -10.76
C SER A 257 22.13 -23.64 -11.85
N GLY A 258 23.44 -23.85 -11.96
CA GLY A 258 23.98 -24.89 -12.80
C GLY A 258 24.48 -26.02 -11.94
N ASP A 259 24.08 -26.03 -10.63
CA ASP A 259 24.62 -26.98 -9.64
C ASP A 259 23.60 -27.79 -8.84
N ASN A 260 22.30 -27.79 -9.21
CA ASN A 260 21.27 -28.53 -8.44
C ASN A 260 21.11 -27.89 -7.03
N ALA A 261 21.29 -26.54 -7.01
CA ALA A 261 21.13 -25.68 -5.85
C ALA A 261 20.08 -24.65 -6.20
N ASP A 262 19.52 -23.96 -5.24
CA ASP A 262 18.47 -22.96 -5.57
C ASP A 262 18.21 -22.04 -4.38
N TRP A 263 17.44 -20.99 -4.62
CA TRP A 263 16.92 -20.11 -3.60
C TRP A 263 15.44 -20.46 -3.50
N GLN A 264 14.95 -20.72 -2.31
CA GLN A 264 13.56 -21.08 -2.08
C GLN A 264 12.89 -20.03 -1.22
N ARG A 265 11.65 -19.67 -1.57
CA ARG A 265 10.85 -18.73 -0.77
C ARG A 265 10.23 -19.54 0.37
N VAL A 266 10.62 -19.24 1.60
CA VAL A 266 10.18 -20.01 2.78
C VAL A 266 9.77 -19.06 3.90
N SER A 267 9.05 -19.57 4.90
CA SER A 267 8.63 -18.78 6.07
C SER A 267 9.46 -19.18 7.30
N GLN A 268 10.29 -20.25 7.18
CA GLN A 268 11.13 -20.81 8.23
C GLN A 268 12.08 -21.86 7.71
N VAL A 269 13.19 -22.07 8.44
CA VAL A 269 14.22 -23.08 8.18
C VAL A 269 14.46 -23.83 9.51
N PRO A 270 14.40 -25.20 9.55
CA PRO A 270 14.61 -25.92 10.83
C PRO A 270 15.86 -25.50 11.63
N ARG A 271 17.02 -25.27 10.98
CA ARG A 271 18.25 -24.86 11.69
C ARG A 271 18.30 -23.34 11.94
N GLY A 272 17.39 -22.61 11.32
CA GLY A 272 17.33 -21.16 11.50
C GLY A 272 17.39 -20.41 10.18
N PRO A 273 16.68 -19.30 10.04
CA PRO A 273 15.80 -18.61 11.03
C PRO A 273 14.42 -19.27 11.16
N GLU A 274 13.82 -19.14 12.35
CA GLU A 274 12.49 -19.67 12.66
C GLU A 274 11.40 -18.79 12.00
N SER A 275 11.78 -17.59 11.55
CA SER A 275 10.85 -16.67 10.87
C SER A 275 11.61 -15.69 10.00
N ASP A 276 10.88 -14.94 9.16
CA ASP A 276 11.55 -13.95 8.34
C ASP A 276 12.02 -12.78 9.19
N HIS A 277 12.72 -11.83 8.56
CA HIS A 277 13.17 -10.66 9.26
C HIS A 277 12.03 -9.63 9.30
N SER A 278 11.33 -9.42 8.16
CA SER A 278 10.27 -8.41 7.97
C SER A 278 9.31 -8.36 9.15
N ASN A 279 8.82 -9.53 9.62
CA ASN A 279 7.97 -9.76 10.79
C ASN A 279 6.72 -8.87 10.78
N SER A 286 3.51 -17.02 7.31
CA SER A 286 3.40 -15.57 7.45
C SER A 286 4.79 -14.96 7.55
N GLY A 287 5.13 -14.09 6.61
CA GLY A 287 6.46 -13.51 6.55
C GLY A 287 7.35 -14.49 5.84
N PHE A 288 7.99 -14.04 4.76
CA PHE A 288 8.77 -14.92 3.92
C PHE A 288 10.11 -14.32 3.66
N PHE A 289 11.08 -15.18 3.31
CA PHE A 289 12.44 -14.77 2.93
C PHE A 289 12.98 -15.77 1.92
N MET A 290 14.12 -15.48 1.28
CA MET A 290 14.71 -16.42 0.31
C MET A 290 15.81 -17.18 1.01
N HIS A 291 15.88 -18.47 0.75
CA HIS A 291 16.84 -19.28 1.45
C HIS A 291 17.63 -20.14 0.51
N PHE A 292 18.95 -20.09 0.66
CA PHE A 292 19.90 -20.91 -0.09
C PHE A 292 20.29 -22.05 0.82
N ASP A 293 19.78 -23.25 0.58
CA ASP A 293 20.15 -24.39 1.41
C ASP A 293 21.59 -24.87 1.08
N SER A 294 22.46 -24.90 2.08
CA SER A 294 23.80 -25.41 1.76
C SER A 294 24.00 -26.81 2.35
N SER A 295 22.99 -27.31 3.09
CA SER A 295 23.10 -28.60 3.78
C SER A 295 23.14 -29.78 2.83
N SER A 296 22.40 -29.73 1.72
CA SER A 296 22.26 -30.90 0.83
C SER A 296 22.79 -30.68 -0.62
N VAL A 297 23.62 -29.67 -0.82
CA VAL A 297 24.24 -29.45 -2.13
C VAL A 297 25.71 -29.85 -2.02
N ASN A 298 26.41 -30.03 -3.16
CA ASN A 298 27.84 -30.37 -3.13
C ASN A 298 28.68 -29.17 -2.75
N VAL A 299 29.91 -29.38 -2.29
CA VAL A 299 30.82 -28.29 -1.97
C VAL A 299 31.11 -27.52 -3.26
N GLY A 300 31.05 -26.18 -3.20
CA GLY A 300 31.30 -25.37 -4.40
C GLY A 300 30.07 -25.10 -5.23
N ALA A 301 28.92 -25.72 -4.89
CA ALA A 301 27.66 -25.47 -5.59
C ALA A 301 27.20 -24.05 -5.32
N THR A 302 26.65 -23.40 -6.36
CA THR A 302 26.14 -22.05 -6.25
C THR A 302 24.72 -21.97 -6.77
N ALA A 303 23.99 -20.93 -6.36
CA ALA A 303 22.66 -20.60 -6.89
C ALA A 303 22.58 -19.09 -6.93
N VAL A 304 22.08 -18.53 -8.04
CA VAL A 304 21.97 -17.08 -8.16
C VAL A 304 20.50 -16.66 -8.09
N LEU A 305 20.27 -15.55 -7.42
CA LEU A 305 18.98 -14.87 -7.32
C LEU A 305 19.22 -13.49 -7.97
N GLU A 306 18.63 -13.26 -9.15
CA GLU A 306 18.89 -12.04 -9.94
C GLU A 306 17.66 -11.11 -9.90
N SER A 307 17.87 -9.80 -9.69
CA SER A 307 16.74 -8.85 -9.71
C SER A 307 16.20 -8.73 -11.14
N ARG A 308 15.04 -8.09 -11.31
CA ARG A 308 14.60 -7.69 -12.65
C ARG A 308 15.54 -6.53 -13.10
N THR A 309 15.47 -6.10 -14.36
CA THR A 309 16.28 -4.98 -14.85
C THR A 309 15.84 -3.70 -14.18
N LEU A 310 16.83 -2.93 -13.70
CA LEU A 310 16.66 -1.67 -13.00
C LEU A 310 17.31 -0.53 -13.80
N TYR A 311 16.76 0.69 -13.71
CA TYR A 311 17.15 1.83 -14.52
C TYR A 311 17.61 2.99 -13.63
N PRO A 312 18.93 3.19 -13.50
CA PRO A 312 19.41 4.24 -12.59
C PRO A 312 19.28 5.65 -13.16
N LYS A 313 19.06 6.63 -12.27
CA LYS A 313 18.91 8.06 -12.64
C LYS A 313 20.12 8.86 -12.15
N ARG A 314 20.87 8.30 -11.20
CA ARG A 314 21.96 9.01 -10.56
C ARG A 314 23.36 8.45 -10.73
N GLY A 315 23.64 7.19 -11.01
CA GLY A 315 25.07 6.87 -11.07
C GLY A 315 25.82 6.46 -9.78
N PHE A 316 25.16 6.54 -8.58
CA PHE A 316 25.67 6.01 -7.31
C PHE A 316 24.47 5.37 -6.61
N GLN A 317 24.68 4.22 -6.00
CA GLN A 317 23.60 3.50 -5.36
C GLN A 317 24.05 2.87 -4.06
N CYS A 318 23.06 2.53 -3.24
CA CYS A 318 23.30 1.83 -1.99
C CYS A 318 22.39 0.64 -1.96
N LEU A 319 22.96 -0.55 -2.04
CA LEU A 319 22.22 -1.81 -1.93
C LEU A 319 22.31 -2.27 -0.47
N GLN A 320 21.18 -2.58 0.15
CA GLN A 320 21.22 -3.05 1.55
C GLN A 320 20.25 -4.22 1.72
N PHE A 321 20.53 -5.09 2.71
CA PHE A 321 19.72 -6.29 2.96
C PHE A 321 20.14 -6.93 4.25
N TYR A 322 19.28 -7.82 4.76
CA TYR A 322 19.58 -8.57 5.94
C TYR A 322 19.89 -10.00 5.55
N LEU A 323 20.91 -10.58 6.19
CA LEU A 323 21.39 -11.92 5.95
C LEU A 323 21.40 -12.73 7.23
N TYR A 324 21.07 -14.01 7.13
CA TYR A 324 21.13 -14.93 8.26
C TYR A 324 21.89 -16.13 7.78
N ASN A 325 22.90 -16.55 8.54
CA ASN A 325 23.65 -17.77 8.20
C ASN A 325 23.39 -18.86 9.22
N SER A 326 22.82 -19.99 8.79
CA SER A 326 22.66 -21.16 9.67
C SER A 326 23.53 -22.29 9.13
N GLY A 327 24.32 -21.98 8.09
CA GLY A 327 25.23 -22.96 7.49
C GLY A 327 26.62 -22.89 8.07
N SER A 328 27.65 -23.06 7.24
CA SER A 328 29.00 -23.05 7.77
C SER A 328 29.68 -21.69 7.65
N GLU A 329 30.81 -21.57 8.37
CA GLU A 329 31.75 -20.45 8.33
C GLU A 329 32.32 -20.32 6.91
N SER A 330 32.37 -21.45 6.17
CA SER A 330 32.95 -21.47 4.82
C SER A 330 31.96 -21.08 3.72
N ASP A 331 30.67 -20.98 4.02
CA ASP A 331 29.71 -20.57 2.98
C ASP A 331 29.86 -19.07 2.72
N GLN A 332 29.45 -18.63 1.56
CA GLN A 332 29.60 -17.20 1.25
C GLN A 332 28.51 -16.70 0.31
N LEU A 333 28.32 -15.39 0.34
CA LEU A 333 27.40 -14.72 -0.55
C LEU A 333 28.18 -13.75 -1.43
N ASN A 334 28.12 -13.94 -2.73
CA ASN A 334 28.74 -13.04 -3.69
C ASN A 334 27.69 -12.15 -4.30
N ILE A 335 28.02 -10.88 -4.48
CA ILE A 335 27.13 -9.90 -5.11
C ILE A 335 27.76 -9.49 -6.43
N TYR A 336 27.02 -9.62 -7.53
CA TYR A 336 27.46 -9.18 -8.84
C TYR A 336 26.52 -8.14 -9.36
N ILE A 337 26.99 -7.36 -10.34
CA ILE A 337 26.18 -6.44 -11.08
C ILE A 337 26.29 -6.90 -12.51
N ARG A 338 25.16 -7.02 -13.21
CA ARG A 338 25.18 -7.26 -14.64
C ARG A 338 24.68 -5.99 -15.28
N GLU A 339 25.56 -5.21 -15.93
CA GLU A 339 25.21 -3.94 -16.56
C GLU A 339 25.07 -4.14 -18.07
N TYR A 340 24.00 -3.58 -18.66
CA TYR A 340 23.70 -3.73 -20.07
C TYR A 340 23.99 -2.47 -20.84
N SER A 341 24.66 -2.63 -21.97
CA SER A 341 24.98 -1.54 -22.89
C SER A 341 24.80 -2.03 -24.32
N ALA A 342 24.68 -1.08 -25.27
CA ALA A 342 24.47 -1.33 -26.71
C ALA A 342 25.44 -2.37 -27.31
N ASP A 343 26.73 -2.31 -26.90
CA ASP A 343 27.79 -3.19 -27.39
C ASP A 343 27.65 -4.64 -26.91
N ASN A 344 27.02 -4.89 -25.74
CA ASN A 344 26.83 -6.26 -25.25
C ASN A 344 25.45 -6.41 -24.58
N VAL A 345 24.50 -6.98 -25.35
CA VAL A 345 23.10 -7.21 -24.97
C VAL A 345 23.00 -8.31 -23.87
N ASP A 346 24.01 -9.20 -23.72
CA ASP A 346 23.99 -10.23 -22.67
C ASP A 346 24.48 -9.67 -21.32
N GLY A 347 24.96 -8.43 -21.36
CA GLY A 347 25.41 -7.73 -20.16
C GLY A 347 26.82 -8.04 -19.76
N ASN A 348 27.36 -7.14 -18.99
CA ASN A 348 28.70 -7.21 -18.44
C ASN A 348 28.55 -7.52 -16.98
N LEU A 349 28.97 -8.73 -16.57
CA LEU A 349 28.83 -9.20 -15.20
C LEU A 349 30.10 -8.87 -14.42
N THR A 350 29.95 -8.20 -13.27
CA THR A 350 31.11 -7.85 -12.44
C THR A 350 30.86 -8.21 -11.01
N LEU A 351 31.86 -8.83 -10.34
CA LEU A 351 31.80 -9.13 -8.91
C LEU A 351 31.99 -7.84 -8.15
N VAL A 352 31.05 -7.46 -7.28
CA VAL A 352 31.19 -6.20 -6.57
C VAL A 352 31.41 -6.42 -5.07
N GLU A 353 31.04 -7.59 -4.53
CA GLU A 353 31.22 -7.84 -3.10
C GLU A 353 31.25 -9.33 -2.80
N GLU A 354 32.12 -9.74 -1.89
CA GLU A 354 32.23 -11.13 -1.41
C GLU A 354 31.97 -11.09 0.06
N ILE A 355 30.87 -11.71 0.50
CA ILE A 355 30.52 -11.70 1.91
C ILE A 355 30.88 -13.07 2.47
N LYS A 356 31.96 -13.14 3.27
CA LYS A 356 32.49 -14.39 3.80
C LYS A 356 32.44 -14.45 5.32
N GLU A 357 32.63 -15.66 5.88
CA GLU A 357 32.66 -15.96 7.33
C GLU A 357 31.55 -15.18 8.05
N ILE A 358 30.29 -15.41 7.60
CA ILE A 358 29.12 -14.70 8.12
C ILE A 358 28.80 -15.30 9.48
N PRO A 359 28.79 -14.49 10.57
CA PRO A 359 28.47 -15.04 11.91
C PRO A 359 27.11 -15.71 11.89
N THR A 360 26.98 -16.86 12.55
CA THR A 360 25.74 -17.64 12.48
C THR A 360 24.74 -17.29 13.57
N GLY A 361 23.48 -17.62 13.31
CA GLY A 361 22.39 -17.51 14.28
C GLY A 361 21.71 -16.18 14.50
N SER A 362 21.93 -15.17 13.62
CA SER A 362 21.26 -13.86 13.76
C SER A 362 21.18 -13.12 12.44
N TRP A 363 20.09 -12.33 12.27
CA TRP A 363 19.93 -11.49 11.10
C TRP A 363 20.92 -10.36 11.18
N GLN A 364 21.64 -10.07 10.09
CA GLN A 364 22.63 -9.00 10.10
C GLN A 364 22.44 -8.08 8.90
N LEU A 365 22.54 -6.77 9.12
CA LEU A 365 22.36 -5.82 8.03
C LEU A 365 23.68 -5.58 7.28
N TYR A 366 23.61 -5.59 5.94
CA TYR A 366 24.77 -5.34 5.09
C TYR A 366 24.49 -4.20 4.17
N HIS A 367 25.49 -3.38 3.89
CA HIS A 367 25.41 -2.26 2.92
C HIS A 367 26.45 -2.47 1.85
N VAL A 368 26.07 -2.35 0.57
CA VAL A 368 26.99 -2.51 -0.55
C VAL A 368 26.92 -1.24 -1.45
N THR A 369 28.08 -0.60 -1.69
CA THR A 369 28.20 0.59 -2.51
C THR A 369 28.28 0.20 -3.98
N LEU A 370 27.46 0.86 -4.81
CA LEU A 370 27.41 0.66 -6.25
C LEU A 370 27.61 1.97 -6.97
N LYS A 371 28.10 1.88 -8.21
CA LYS A 371 28.31 3.05 -9.07
C LYS A 371 27.96 2.63 -10.48
N VAL A 372 26.68 2.31 -10.71
CA VAL A 372 26.20 1.82 -12.00
C VAL A 372 25.47 2.96 -12.71
N THR A 373 25.80 3.19 -13.99
CA THR A 373 25.16 4.30 -14.69
C THR A 373 24.20 3.84 -15.79
N LYS A 374 24.23 2.56 -16.13
CA LYS A 374 23.38 2.00 -17.18
C LYS A 374 22.39 1.01 -16.57
N LYS A 375 21.36 0.58 -17.34
CA LYS A 375 20.41 -0.42 -16.83
C LYS A 375 21.15 -1.69 -16.40
N PHE A 376 20.69 -2.31 -15.32
CA PHE A 376 21.42 -3.41 -14.72
C PHE A 376 20.55 -4.32 -13.89
N ARG A 377 21.12 -5.43 -13.47
CA ARG A 377 20.52 -6.35 -12.50
C ARG A 377 21.48 -6.59 -11.36
N VAL A 378 20.94 -6.79 -10.16
CA VAL A 378 21.70 -7.19 -8.98
C VAL A 378 21.65 -8.71 -8.96
N VAL A 379 22.80 -9.37 -8.81
CA VAL A 379 22.89 -10.84 -8.80
C VAL A 379 23.42 -11.30 -7.45
N PHE A 380 22.62 -12.07 -6.69
CA PHE A 380 22.99 -12.63 -5.39
C PHE A 380 23.39 -14.07 -5.62
N GLU A 381 24.61 -14.44 -5.28
CA GLU A 381 25.06 -15.81 -5.51
C GLU A 381 25.45 -16.47 -4.20
N GLY A 382 24.68 -17.47 -3.80
CA GLY A 382 25.00 -18.23 -2.59
C GLY A 382 25.99 -19.30 -3.00
N ARG A 383 27.02 -19.56 -2.18
CA ARG A 383 28.02 -20.58 -2.47
C ARG A 383 28.26 -21.52 -1.26
N LYS A 384 28.21 -22.84 -1.47
CA LYS A 384 28.55 -23.76 -0.39
C LYS A 384 30.07 -23.93 -0.33
N GLY A 385 30.67 -23.70 0.84
CA GLY A 385 32.08 -23.88 1.07
C GLY A 385 32.38 -25.28 1.59
N SER A 386 33.62 -25.54 1.96
CA SER A 386 34.07 -26.85 2.45
C SER A 386 33.38 -27.30 3.74
N GLY A 387 33.38 -28.59 3.97
CA GLY A 387 32.82 -29.14 5.20
C GLY A 387 31.31 -29.25 5.21
N ALA A 388 30.79 -29.54 6.38
CA ALA A 388 29.42 -29.84 6.58
C ALA A 388 28.60 -28.63 7.01
N SER A 389 27.32 -28.66 6.65
CA SER A 389 26.35 -27.63 6.96
C SER A 389 24.98 -28.25 7.29
N LEU A 390 24.26 -27.64 8.22
CA LEU A 390 22.91 -28.11 8.53
C LEU A 390 21.83 -27.07 8.16
N GLY A 391 22.25 -25.95 7.61
CA GLY A 391 21.30 -24.91 7.24
C GLY A 391 21.72 -24.26 5.94
N GLY A 392 21.71 -22.95 5.91
CA GLY A 392 22.10 -22.24 4.71
C GLY A 392 22.08 -20.74 4.92
N LEU A 393 22.00 -20.03 3.82
CA LEU A 393 21.97 -18.54 3.79
C LEU A 393 20.59 -18.06 3.52
N SER A 394 20.16 -17.08 4.26
CA SER A 394 18.80 -16.51 4.10
C SER A 394 18.96 -15.03 3.93
N ILE A 395 18.18 -14.44 3.03
CA ILE A 395 18.18 -13.01 2.75
C ILE A 395 16.76 -12.49 2.84
N ASP A 396 16.65 -11.28 3.31
CA ASP A 396 15.35 -10.62 3.42
C ASP A 396 15.53 -9.13 3.35
N ASP A 397 14.42 -8.38 3.14
CA ASP A 397 14.39 -6.93 3.22
C ASP A 397 15.52 -6.25 2.46
N ILE A 398 15.55 -6.51 1.15
CA ILE A 398 16.51 -5.94 0.23
C ILE A 398 16.01 -4.54 -0.12
N ASN A 399 16.84 -3.52 0.02
CA ASN A 399 16.44 -2.17 -0.41
C ASN A 399 17.53 -1.62 -1.27
N LEU A 400 17.15 -0.92 -2.33
CA LEU A 400 18.10 -0.29 -3.23
C LEU A 400 17.65 1.13 -3.50
N SER A 401 18.55 2.09 -3.29
CA SER A 401 18.26 3.50 -3.55
C SER A 401 19.48 4.14 -4.17
N GLU A 402 19.29 5.28 -4.84
CA GLU A 402 20.39 6.04 -5.45
C GLU A 402 20.86 7.06 -4.43
N THR A 403 21.48 6.55 -3.40
CA THR A 403 21.97 7.30 -2.24
C THR A 403 23.36 6.81 -1.90
N ARG A 404 24.06 7.58 -1.07
CA ARG A 404 25.38 7.15 -0.61
C ARG A 404 25.22 6.17 0.56
N CYS A 405 26.02 5.09 0.58
CA CYS A 405 26.03 4.19 1.72
C CYS A 405 26.53 4.94 2.94
N PRO A 406 26.10 4.57 4.17
CA PRO A 406 26.72 5.21 5.36
C PRO A 406 28.22 4.96 5.32
N HIS A 407 29.04 5.87 5.86
CA HIS A 407 30.49 5.64 5.86
C HIS A 407 30.84 4.51 6.81
N HIS A 408 30.15 4.45 7.96
CA HIS A 408 30.38 3.48 9.01
C HIS A 408 29.08 3.08 9.63
N ILE A 409 29.03 1.90 10.22
CA ILE A 409 27.81 1.45 10.86
C ILE A 409 28.19 0.91 12.24
N TRP A 410 27.54 1.42 13.29
CA TRP A 410 27.72 0.91 14.64
C TRP A 410 26.54 -0.02 14.99
N HIS A 411 26.81 -1.29 15.09
CA HIS A 411 25.80 -2.31 15.41
C HIS A 411 25.88 -2.63 16.90
N ILE A 412 24.81 -2.30 17.65
CA ILE A 412 24.73 -2.57 19.09
C ILE A 412 23.80 -3.75 19.31
N ARG A 413 24.33 -4.86 19.85
CA ARG A 413 23.57 -6.08 20.11
C ARG A 413 23.05 -6.08 21.52
N ASN A 414 21.98 -6.87 21.80
CA ASN A 414 21.41 -7.00 23.16
C ASN A 414 21.17 -5.62 23.74
N PHE A 415 20.55 -4.74 22.95
CA PHE A 415 20.38 -3.33 23.26
C PHE A 415 19.48 -3.02 24.46
N THR A 416 18.31 -3.69 24.56
CA THR A 416 17.26 -3.33 25.52
C THR A 416 17.75 -3.25 26.98
N GLN A 417 18.68 -4.12 27.38
CA GLN A 417 19.25 -4.20 28.74
C GLN A 417 19.89 -2.87 29.20
N PHE A 418 20.25 -1.96 28.25
CA PHE A 418 20.93 -0.70 28.53
C PHE A 418 20.01 0.50 28.71
N ILE A 419 18.74 0.44 28.23
CA ILE A 419 17.79 1.58 28.26
C ILE A 419 17.42 1.92 29.71
N GLY A 420 17.78 3.14 30.12
CA GLY A 420 17.51 3.67 31.46
C GLY A 420 18.41 3.05 32.53
N SER A 421 19.44 2.31 32.10
CA SER A 421 20.31 1.61 33.05
C SER A 421 21.61 2.36 33.34
N PRO A 422 22.12 2.32 34.59
CA PRO A 422 23.41 2.97 34.89
C PRO A 422 24.57 2.53 33.99
N ASN A 423 24.57 1.26 33.52
CA ASN A 423 25.61 0.71 32.63
C ASN A 423 25.38 1.08 31.15
N GLY A 424 24.35 1.87 30.86
CA GLY A 424 24.01 2.29 29.50
C GLY A 424 24.83 3.43 28.96
N THR A 425 26.15 3.42 29.22
CA THR A 425 27.10 4.43 28.74
C THR A 425 27.96 3.70 27.71
N LEU A 426 27.58 3.78 26.44
CA LEU A 426 28.20 3.00 25.38
C LEU A 426 29.08 3.84 24.48
N TYR A 427 30.28 3.32 24.20
CA TYR A 427 31.22 3.92 23.27
C TYR A 427 31.37 3.01 22.08
N SER A 428 31.35 3.59 20.89
CA SER A 428 31.49 2.84 19.65
C SER A 428 32.93 2.37 19.43
N PRO A 429 33.16 1.44 18.48
CA PRO A 429 34.54 1.15 18.09
C PRO A 429 35.16 2.43 17.46
N PRO A 430 36.49 2.57 17.33
CA PRO A 430 37.02 3.78 16.67
C PRO A 430 36.77 3.72 15.17
N PHE A 431 36.61 4.88 14.53
CA PHE A 431 36.42 4.97 13.09
C PHE A 431 37.29 6.05 12.50
N TYR A 432 37.57 5.97 11.20
CA TYR A 432 38.32 7.02 10.51
C TYR A 432 37.38 7.72 9.53
N SER A 433 37.30 9.06 9.62
CA SER A 433 36.49 9.87 8.71
C SER A 433 37.15 9.90 7.33
N SER A 434 36.43 10.38 6.30
CA SER A 434 36.94 10.47 4.93
C SER A 434 38.25 11.27 4.85
N LYS A 435 38.37 12.36 5.63
CA LYS A 435 39.57 13.20 5.64
C LYS A 435 40.70 12.64 6.54
N GLY A 436 40.44 11.52 7.22
CA GLY A 436 41.46 10.86 8.02
C GLY A 436 41.42 11.10 9.52
N TYR A 437 40.43 11.87 10.00
CA TYR A 437 40.27 12.13 11.45
C TYR A 437 39.74 10.88 12.13
N ALA A 438 40.30 10.52 13.28
CA ALA A 438 39.82 9.36 14.03
C ALA A 438 38.73 9.83 14.97
N PHE A 439 37.64 9.07 15.09
CA PHE A 439 36.54 9.48 15.94
C PHE A 439 35.87 8.31 16.61
N GLN A 440 35.07 8.64 17.64
CA GLN A 440 34.28 7.71 18.42
C GLN A 440 32.93 8.34 18.75
N ILE A 441 31.90 7.49 18.87
CA ILE A 441 30.55 7.91 19.24
C ILE A 441 30.24 7.47 20.63
N TYR A 442 29.61 8.36 21.42
CA TYR A 442 29.15 8.04 22.76
C TYR A 442 27.62 8.08 22.79
N LEU A 443 26.99 6.98 23.17
CA LEU A 443 25.55 6.88 23.31
C LEU A 443 25.24 6.72 24.78
N ASN A 444 24.54 7.69 25.35
CA ASN A 444 24.19 7.65 26.77
C ASN A 444 22.72 7.28 26.94
N LEU A 445 22.46 6.10 27.47
CA LEU A 445 21.11 5.60 27.70
C LEU A 445 20.75 5.57 29.19
N ALA A 446 21.63 6.08 30.06
CA ALA A 446 21.47 6.02 31.52
C ALA A 446 20.40 6.96 32.09
N HIS A 447 20.04 8.05 31.38
CA HIS A 447 19.02 8.99 31.84
C HIS A 447 17.65 8.28 31.90
N VAL A 448 16.77 8.72 32.81
CA VAL A 448 15.47 8.07 33.00
C VAL A 448 14.53 8.23 31.77
N THR A 449 14.59 9.35 31.02
CA THR A 449 13.67 9.62 29.93
C THR A 449 14.31 9.85 28.52
N ASN A 450 15.51 10.43 28.45
CA ASN A 450 16.13 10.75 27.15
C ASN A 450 17.43 10.01 26.87
N ALA A 451 17.65 9.62 25.60
CA ALA A 451 18.92 9.08 25.12
C ALA A 451 19.75 10.25 24.59
N GLY A 452 21.04 10.26 24.92
CA GLY A 452 21.97 11.28 24.44
C GLY A 452 22.95 10.67 23.48
N ILE A 453 23.46 11.49 22.54
CA ILE A 453 24.47 11.02 21.57
C ILE A 453 25.49 12.12 21.34
N TYR A 454 26.80 11.74 21.33
CA TYR A 454 27.92 12.68 21.23
C TYR A 454 28.97 12.17 20.30
N PHE A 455 29.55 13.07 19.53
CA PHE A 455 30.64 12.80 18.62
C PHE A 455 31.96 13.28 19.26
N HIS A 456 32.97 12.40 19.29
CA HIS A 456 34.29 12.71 19.82
C HIS A 456 35.35 12.52 18.78
N LEU A 457 36.34 13.41 18.72
CA LEU A 457 37.55 13.12 17.94
C LEU A 457 38.49 12.35 18.87
N ILE A 458 39.26 11.39 18.33
CA ILE A 458 40.20 10.62 19.15
C ILE A 458 41.57 10.61 18.49
N SER A 459 42.63 10.19 19.23
CA SER A 459 43.95 10.14 18.61
C SER A 459 43.94 9.05 17.52
N GLY A 460 44.53 9.37 16.36
CA GLY A 460 44.59 8.50 15.21
C GLY A 460 45.93 8.56 14.49
N ALA A 461 46.19 7.56 13.62
CA ALA A 461 47.47 7.44 12.90
C ALA A 461 47.80 8.62 11.97
N ASN A 462 46.81 9.36 11.48
CA ASN A 462 47.05 10.48 10.55
C ASN A 462 47.22 11.86 11.23
N ASP A 463 47.10 11.95 12.56
CA ASP A 463 47.09 13.21 13.32
C ASP A 463 48.25 14.19 13.02
N ASP A 464 49.46 13.69 12.69
CA ASP A 464 50.60 14.56 12.37
C ASP A 464 50.41 15.30 11.03
N GLN A 465 49.60 14.77 10.11
CA GLN A 465 49.41 15.39 8.79
C GLN A 465 48.02 16.04 8.62
N LEU A 466 47.18 16.02 9.68
CA LEU A 466 45.83 16.60 9.61
C LEU A 466 45.80 18.07 9.99
N GLN A 467 44.81 18.82 9.47
CA GLN A 467 44.63 20.22 9.82
C GLN A 467 43.96 20.31 11.20
N TRP A 468 44.55 21.07 12.11
CA TRP A 468 44.06 21.26 13.49
C TRP A 468 43.91 22.75 13.84
N PRO A 469 42.83 23.18 14.54
CA PRO A 469 41.64 22.42 14.96
C PRO A 469 40.86 21.91 13.75
N CYS A 470 40.18 20.77 13.91
CA CYS A 470 39.40 20.08 12.87
C CYS A 470 38.39 21.03 12.17
N PRO A 471 38.58 21.35 10.86
CA PRO A 471 37.73 22.36 10.24
C PRO A 471 36.56 21.84 9.41
N TRP A 472 35.37 22.22 9.88
CA TRP A 472 34.08 22.02 9.21
C TRP A 472 33.83 20.60 8.69
N GLN A 473 34.03 19.60 9.56
CA GLN A 473 33.63 18.23 9.27
C GLN A 473 32.23 18.06 9.82
N GLN A 474 31.28 17.61 9.01
CA GLN A 474 29.93 17.40 9.52
C GLN A 474 29.71 15.94 9.79
N ALA A 475 29.37 15.59 11.04
CA ALA A 475 29.09 14.22 11.46
C ALA A 475 27.60 14.01 11.52
N THR A 476 27.09 13.06 10.74
CA THR A 476 25.65 12.77 10.73
C THR A 476 25.46 11.43 11.39
N MET A 477 24.66 11.38 12.46
CA MET A 477 24.42 10.17 13.23
C MET A 477 22.97 9.80 13.12
N THR A 478 22.67 8.60 12.60
CA THR A 478 21.30 8.19 12.33
C THR A 478 20.93 6.92 13.08
N LEU A 479 19.91 7.00 13.93
CA LEU A 479 19.38 5.79 14.57
C LEU A 479 18.44 5.15 13.56
N LEU A 480 18.83 4.01 13.00
CA LEU A 480 18.05 3.39 11.92
C LEU A 480 16.69 2.86 12.37
N ASP A 481 15.58 3.30 11.69
CA ASP A 481 14.27 2.67 11.88
C ASP A 481 14.27 1.46 10.94
N GLN A 482 14.40 0.25 11.49
CA GLN A 482 14.58 -0.96 10.68
C GLN A 482 13.29 -1.50 10.03
N ASN A 483 12.50 -0.62 9.47
CA ASN A 483 11.31 -1.02 8.73
C ASN A 483 11.75 -1.81 7.51
N PRO A 484 11.01 -2.86 7.10
CA PRO A 484 11.42 -3.63 5.89
C PRO A 484 11.57 -2.75 4.64
N ASP A 485 10.77 -1.68 4.53
CA ASP A 485 10.75 -0.84 3.35
C ASP A 485 11.43 0.49 3.63
N ILE A 486 12.48 0.79 2.87
CA ILE A 486 13.24 2.05 3.02
C ILE A 486 12.30 3.28 2.94
N ARG A 487 11.22 3.20 2.15
CA ARG A 487 10.28 4.33 2.00
C ARG A 487 9.45 4.56 3.26
N GLN A 488 9.40 3.60 4.17
CA GLN A 488 8.59 3.73 5.39
C GLN A 488 9.43 3.91 6.65
N ARG A 489 10.74 4.08 6.51
CA ARG A 489 11.62 4.26 7.68
C ARG A 489 11.53 5.69 8.16
N MET A 490 11.35 5.87 9.48
CA MET A 490 11.35 7.21 10.08
C MET A 490 12.58 7.25 10.99
N SER A 491 13.75 7.19 10.36
CA SER A 491 15.00 7.14 11.12
C SER A 491 15.24 8.48 11.84
N ASN A 492 15.88 8.41 13.01
CA ASN A 492 16.11 9.58 13.88
C ASN A 492 17.54 10.03 13.69
N GLN A 493 17.70 11.21 13.06
CA GLN A 493 19.00 11.67 12.64
C GLN A 493 19.34 13.07 13.16
N ARG A 494 20.59 13.25 13.61
CA ARG A 494 21.11 14.55 14.03
C ARG A 494 22.50 14.72 13.48
N SER A 495 22.87 15.96 13.16
CA SER A 495 24.18 16.27 12.66
C SER A 495 24.81 17.34 13.51
N ILE A 496 26.13 17.32 13.59
CA ILE A 496 26.94 18.35 14.23
C ILE A 496 28.10 18.66 13.27
N THR A 497 28.68 19.84 13.37
CA THR A 497 29.81 20.27 12.53
C THR A 497 30.90 20.79 13.44
N THR A 498 32.15 20.42 13.16
CA THR A 498 33.31 20.83 13.96
C THR A 498 33.70 22.24 13.53
N ASP A 499 33.54 23.22 14.44
CA ASP A 499 33.86 24.63 14.22
C ASP A 499 35.29 24.86 14.73
N PRO A 500 36.26 25.17 13.82
CA PRO A 500 37.66 25.27 14.26
C PRO A 500 37.96 26.49 15.14
N PHE A 501 36.99 27.39 15.30
CA PHE A 501 37.19 28.59 16.13
C PHE A 501 36.53 28.42 17.51
N MET A 502 35.83 27.29 17.73
CA MET A 502 35.17 26.99 19.00
C MET A 502 36.20 26.77 20.10
N THR A 503 36.01 27.49 21.21
CA THR A 503 36.93 27.40 22.34
C THR A 503 36.27 26.82 23.59
N THR A 504 37.10 26.23 24.47
CA THR A 504 36.69 25.64 25.75
C THR A 504 36.78 26.73 26.83
N ASP A 505 36.42 26.38 28.09
CA ASP A 505 36.45 27.31 29.22
C ASP A 505 37.87 27.79 29.56
N ASN A 506 38.87 26.90 29.40
CA ASN A 506 40.29 27.14 29.68
C ASN A 506 41.02 27.87 28.51
N GLY A 507 40.28 28.27 27.48
CA GLY A 507 40.80 29.00 26.32
C GLY A 507 41.31 28.20 25.14
N ASN A 508 41.41 26.85 25.29
CA ASN A 508 41.85 25.97 24.21
C ASN A 508 40.76 25.79 23.16
N TYR A 509 41.15 25.30 21.97
CA TYR A 509 40.21 25.01 20.90
C TYR A 509 39.56 23.66 21.14
N PHE A 510 38.23 23.64 21.16
CA PHE A 510 37.45 22.42 21.42
C PHE A 510 37.85 21.27 20.49
N TRP A 511 38.01 21.56 19.19
CA TRP A 511 38.30 20.53 18.18
C TRP A 511 39.79 20.43 17.86
N ASP A 512 40.65 20.80 18.79
CA ASP A 512 42.09 20.67 18.57
C ASP A 512 42.49 19.18 18.67
N ARG A 513 43.77 18.90 18.37
CA ARG A 513 44.34 17.54 18.36
C ARG A 513 44.09 16.84 19.72
N PRO A 514 43.47 15.64 19.75
CA PRO A 514 43.17 14.98 21.03
C PRO A 514 44.39 14.77 21.94
N SER A 515 45.60 14.60 21.38
CA SER A 515 46.82 14.45 22.17
C SER A 515 47.13 15.73 22.97
N LYS A 516 46.59 16.87 22.50
CA LYS A 516 46.79 18.18 23.09
C LYS A 516 45.62 18.56 24.05
N VAL A 517 44.34 18.30 23.67
CA VAL A 517 43.21 18.74 24.51
C VAL A 517 42.34 17.59 25.07
N GLY A 518 42.63 16.37 24.66
CA GLY A 518 41.85 15.20 25.06
C GLY A 518 42.20 14.56 26.38
N THR A 519 41.28 13.71 26.86
CA THR A 519 41.43 12.96 28.10
C THR A 519 41.87 11.54 27.73
N VAL A 520 42.49 10.85 28.67
CA VAL A 520 42.98 9.49 28.45
C VAL A 520 41.81 8.51 28.51
N ALA A 521 41.79 7.55 27.57
CA ALA A 521 40.78 6.51 27.49
C ALA A 521 41.44 5.20 27.07
N LEU A 522 40.74 4.08 27.25
CA LEU A 522 41.26 2.77 26.87
C LEU A 522 40.35 2.12 25.87
N PHE A 523 40.93 1.46 24.85
CA PHE A 523 40.13 0.67 23.91
C PHE A 523 39.77 -0.64 24.61
N SER A 524 38.83 -1.44 24.03
CA SER A 524 38.43 -2.75 24.60
C SER A 524 39.63 -3.67 24.86
N ASN A 525 40.67 -3.57 24.00
CA ASN A 525 41.90 -4.35 24.07
C ASN A 525 42.90 -3.80 25.12
N GLY A 526 42.58 -2.65 25.73
CA GLY A 526 43.42 -2.06 26.76
C GLY A 526 44.45 -1.02 26.32
N THR A 527 44.55 -0.76 24.98
CA THR A 527 45.48 0.24 24.43
C THR A 527 44.93 1.62 24.79
N GLN A 528 45.82 2.48 25.20
CA GLN A 528 45.53 3.85 25.61
C GLN A 528 45.40 4.75 24.40
N PHE A 529 44.51 5.73 24.50
CA PHE A 529 44.32 6.76 23.49
C PHE A 529 43.80 8.03 24.16
N ARG A 530 43.72 9.10 23.37
CA ARG A 530 43.23 10.38 23.81
C ARG A 530 41.87 10.63 23.14
N ARG A 531 40.89 11.06 23.95
CA ARG A 531 39.54 11.35 23.48
C ARG A 531 39.27 12.84 23.69
N GLY A 532 38.91 13.54 22.62
CA GLY A 532 38.59 14.96 22.72
C GLY A 532 37.21 15.12 23.34
N GLY A 533 36.80 16.37 23.55
CA GLY A 533 35.49 16.67 24.10
C GLY A 533 34.40 16.14 23.19
N GLY A 534 33.27 15.78 23.80
CA GLY A 534 32.10 15.25 23.09
C GLY A 534 31.15 16.35 22.70
N TYR A 535 30.68 16.30 21.46
CA TYR A 535 29.76 17.31 20.97
C TYR A 535 28.52 16.61 20.42
N GLY A 536 27.38 16.99 20.97
CA GLY A 536 26.13 16.36 20.57
C GLY A 536 24.94 16.85 21.35
N THR A 537 24.02 15.95 21.66
CA THR A 537 22.79 16.31 22.32
C THR A 537 22.41 15.33 23.42
N SER A 538 21.82 15.85 24.51
CA SER A 538 21.28 15.04 25.61
C SER A 538 19.84 14.63 25.29
N ALA A 539 19.27 15.14 24.19
CA ALA A 539 17.90 14.83 23.75
C ALA A 539 17.92 14.31 22.30
N PHE A 540 18.67 13.23 22.05
CA PHE A 540 18.72 12.60 20.73
C PHE A 540 17.37 11.99 20.41
N ILE A 541 16.81 11.22 21.36
CA ILE A 541 15.49 10.58 21.22
C ILE A 541 15.00 10.24 22.64
N THR A 542 13.70 10.23 22.88
CA THR A 542 13.20 9.78 24.19
C THR A 542 13.28 8.26 24.21
N HIS A 543 13.39 7.64 25.40
CA HIS A 543 13.39 6.17 25.51
C HIS A 543 12.05 5.59 25.00
N GLU A 544 10.92 6.33 25.21
CA GLU A 544 9.61 5.93 24.72
C GLU A 544 9.60 5.81 23.18
N ARG A 545 10.17 6.80 22.48
CA ARG A 545 10.23 6.73 21.03
C ARG A 545 11.26 5.71 20.56
N LEU A 546 12.36 5.57 21.31
CA LEU A 546 13.40 4.57 20.99
C LEU A 546 12.81 3.16 21.02
N LYS A 547 11.81 2.93 21.90
CA LYS A 547 11.13 1.65 22.03
C LYS A 547 9.97 1.49 21.02
N SER A 548 9.73 2.50 20.19
CA SER A 548 8.65 2.46 19.19
C SER A 548 9.19 2.07 17.80
N ARG A 549 8.26 1.87 16.85
CA ARG A 549 8.59 1.52 15.47
C ARG A 549 9.61 0.35 15.45
N ASP A 550 10.66 0.42 14.62
CA ASP A 550 11.62 -0.68 14.49
C ASP A 550 13.04 -0.22 14.77
N PHE A 551 13.22 0.76 15.68
CA PHE A 551 14.60 1.16 16.02
C PHE A 551 15.34 -0.04 16.65
N ILE A 552 14.63 -0.81 17.48
CA ILE A 552 15.15 -2.03 18.08
C ILE A 552 14.46 -3.19 17.37
N LYS A 553 15.22 -4.12 16.82
CA LYS A 553 14.62 -5.26 16.11
C LYS A 553 15.53 -6.46 16.33
N GLY A 554 14.98 -7.50 16.93
CA GLY A 554 15.76 -8.67 17.33
C GLY A 554 16.75 -8.24 18.39
N ASP A 555 16.39 -7.19 19.16
CA ASP A 555 17.24 -6.59 20.21
C ASP A 555 18.55 -5.96 19.66
N ASP A 556 18.61 -5.69 18.34
CA ASP A 556 19.71 -5.02 17.64
C ASP A 556 19.37 -3.59 17.35
N VAL A 557 20.37 -2.72 17.42
CA VAL A 557 20.24 -1.31 17.04
C VAL A 557 21.37 -1.01 16.08
N TYR A 558 21.11 -0.16 15.06
CA TYR A 558 22.14 0.31 14.15
C TYR A 558 22.21 1.83 14.17
N ILE A 559 23.40 2.38 14.38
CA ILE A 559 23.66 3.82 14.28
C ILE A 559 24.48 3.99 13.02
N LEU A 560 23.92 4.65 12.02
CA LEU A 560 24.63 4.91 10.75
C LEU A 560 25.42 6.18 10.89
N LEU A 561 26.65 6.19 10.37
CA LEU A 561 27.55 7.32 10.53
C LEU A 561 28.16 7.76 9.21
N THR A 562 28.10 9.07 8.95
CA THR A 562 28.71 9.71 7.79
C THR A 562 29.45 10.95 8.33
N VAL A 563 30.72 11.09 8.02
CA VAL A 563 31.49 12.25 8.49
C VAL A 563 32.15 12.83 7.26
N GLU A 564 31.72 14.02 6.85
CA GLU A 564 32.28 14.58 5.63
C GLU A 564 32.63 16.05 5.73
N ASP A 565 33.57 16.48 4.89
CA ASP A 565 34.01 17.87 4.85
C ASP A 565 32.94 18.72 4.17
N ILE A 566 32.48 19.79 4.85
CA ILE A 566 31.45 20.66 4.26
C ILE A 566 31.98 22.10 4.14
N SER A 567 33.31 22.28 4.10
CA SER A 567 33.90 23.62 3.95
C SER A 567 33.48 24.25 2.62
N HIS A 568 33.09 23.44 1.59
CA HIS A 568 32.63 23.97 0.28
C HIS A 568 31.29 24.71 0.41
N LEU A 569 30.57 24.55 1.54
CA LEU A 569 29.28 25.21 1.77
C LEU A 569 29.45 26.63 2.34
N ASN A 570 30.68 27.03 2.63
CA ASN A 570 30.97 28.37 3.15
C ASN A 570 30.69 29.48 2.11
N SER A 571 31.17 29.24 0.87
CA SER A 571 31.09 30.17 -0.27
C SER A 571 29.68 30.56 -0.64
N THR A 572 29.51 31.83 -1.05
CA THR A 572 28.23 32.39 -1.47
C THR A 572 27.67 31.58 -2.65
N GLN A 573 26.37 31.26 -2.59
CA GLN A 573 25.70 30.53 -3.67
C GLN A 573 25.51 31.51 -4.84
N ILE A 574 26.21 31.26 -5.96
CA ILE A 574 26.17 32.14 -7.13
C ILE A 574 25.43 31.48 -8.31
N GLN A 575 24.69 32.34 -9.07
CA GLN A 575 23.92 32.11 -10.31
C GLN A 575 23.04 33.32 -10.62
N PRO B 1 -31.79 -31.15 -14.62
CA PRO B 1 -30.45 -31.57 -15.06
C PRO B 1 -30.25 -31.32 -16.58
N TRP B 2 -30.88 -32.15 -17.42
CA TRP B 2 -30.88 -32.11 -18.88
C TRP B 2 -31.62 -30.89 -19.42
N GLU B 3 -32.51 -30.32 -18.60
CA GLU B 3 -33.28 -29.12 -18.94
C GLU B 3 -32.43 -27.83 -18.80
N ASN B 4 -31.14 -27.93 -18.35
CA ASN B 4 -30.29 -26.74 -18.19
C ASN B 4 -29.66 -26.30 -19.50
N PHE B 5 -29.29 -25.04 -19.55
CA PHE B 5 -28.69 -24.42 -20.72
C PHE B 5 -27.35 -23.85 -20.32
N ASP B 6 -26.26 -24.32 -20.97
CA ASP B 6 -24.91 -23.85 -20.71
C ASP B 6 -24.50 -22.84 -21.78
N VAL B 7 -24.32 -21.57 -21.39
CA VAL B 7 -23.95 -20.48 -22.31
C VAL B 7 -22.56 -20.71 -22.88
N ASP B 8 -21.74 -21.47 -22.16
CA ASP B 8 -20.37 -21.77 -22.56
C ASP B 8 -20.23 -23.10 -23.36
N GLY B 9 -21.36 -23.71 -23.72
CA GLY B 9 -21.45 -24.91 -24.57
C GLY B 9 -20.52 -26.06 -24.24
N GLY B 10 -20.30 -26.32 -22.95
CA GLY B 10 -19.44 -27.39 -22.48
C GLY B 10 -17.95 -27.13 -22.67
N MET B 11 -17.60 -25.87 -22.99
CA MET B 11 -16.22 -25.42 -23.18
C MET B 11 -15.87 -24.27 -22.25
N ASP B 12 -14.60 -23.89 -22.22
CA ASP B 12 -14.09 -22.74 -21.47
C ASP B 12 -13.25 -21.92 -22.45
N GLN B 13 -13.92 -21.30 -23.42
CA GLN B 13 -13.30 -20.50 -24.48
C GLN B 13 -12.97 -19.07 -24.00
N ASP B 14 -11.69 -18.68 -24.06
CA ASP B 14 -11.24 -17.32 -23.67
C ASP B 14 -11.47 -16.41 -24.89
N ILE B 15 -11.12 -15.11 -24.77
CA ILE B 15 -11.24 -14.15 -25.89
C ILE B 15 -10.57 -14.68 -27.15
N PHE B 16 -9.34 -15.17 -26.99
CA PHE B 16 -8.51 -15.61 -28.11
C PHE B 16 -9.09 -16.85 -28.79
N ASP B 17 -9.77 -17.77 -28.06
CA ASP B 17 -10.44 -18.93 -28.66
C ASP B 17 -11.67 -18.51 -29.45
N ILE B 18 -12.48 -17.56 -28.89
CA ILE B 18 -13.66 -17.03 -29.60
C ILE B 18 -13.24 -16.43 -30.95
N ASN B 19 -12.26 -15.48 -30.94
CA ASN B 19 -11.82 -14.80 -32.18
C ASN B 19 -11.13 -15.76 -33.15
N GLU B 20 -10.31 -16.70 -32.64
CA GLU B 20 -9.63 -17.70 -33.50
C GLU B 20 -10.65 -18.55 -34.25
N GLY B 21 -11.70 -18.99 -33.56
CA GLY B 21 -12.81 -19.77 -34.11
C GLY B 21 -13.60 -19.05 -35.19
N LEU B 22 -13.51 -17.69 -35.25
CA LEU B 22 -14.18 -16.86 -36.25
C LEU B 22 -13.25 -16.50 -37.43
N GLY B 23 -11.95 -16.72 -37.27
CA GLY B 23 -10.93 -16.43 -38.28
C GLY B 23 -10.73 -14.95 -38.53
N LEU B 24 -10.71 -14.13 -37.44
CA LEU B 24 -10.59 -12.66 -37.51
C LEU B 24 -9.18 -12.18 -37.89
N ASP B 25 -8.15 -12.96 -37.48
CA ASP B 25 -6.72 -12.74 -37.74
C ASP B 25 -6.26 -11.36 -37.26
N LEU B 26 -6.74 -10.90 -36.09
CA LEU B 26 -6.31 -9.61 -35.55
C LEU B 26 -4.99 -9.73 -34.81
N PHE B 27 -4.37 -8.58 -34.54
CA PHE B 27 -3.10 -8.57 -33.84
C PHE B 27 -3.26 -9.13 -32.41
N GLU B 28 -2.48 -10.16 -32.08
CA GLU B 28 -2.53 -10.83 -30.79
C GLU B 28 -3.96 -11.25 -30.42
N GLY B 29 -4.72 -11.69 -31.43
CA GLY B 29 -6.09 -12.19 -31.26
C GLY B 29 -7.22 -11.19 -31.16
N ASP B 30 -7.02 -10.08 -30.44
CA ASP B 30 -8.09 -9.12 -30.19
C ASP B 30 -7.72 -7.66 -30.29
N ILE B 31 -6.59 -7.34 -30.88
CA ILE B 31 -6.21 -5.92 -31.05
C ILE B 31 -6.40 -5.50 -32.51
N ARG B 32 -7.17 -4.44 -32.73
CA ARG B 32 -7.37 -3.93 -34.08
C ARG B 32 -6.34 -2.84 -34.29
N LEU B 33 -5.28 -3.12 -35.05
CA LEU B 33 -4.24 -2.09 -35.25
C LEU B 33 -4.71 -0.98 -36.14
N ASP B 34 -4.32 0.24 -35.81
CA ASP B 34 -4.62 1.41 -36.61
C ASP B 34 -3.66 1.44 -37.80
N ARG B 35 -4.06 2.12 -38.88
CA ARG B 35 -3.33 2.30 -40.14
C ARG B 35 -1.86 1.85 -40.06
N ALA B 36 -0.93 2.70 -39.59
CA ALA B 36 0.50 2.37 -39.54
C ALA B 36 1.02 2.41 -38.10
N GLN B 37 0.18 1.88 -37.19
CA GLN B 37 0.50 1.80 -35.78
C GLN B 37 1.56 0.71 -35.58
N ILE B 38 2.59 1.04 -34.80
CA ILE B 38 3.66 0.11 -34.50
C ILE B 38 3.16 -0.84 -33.40
N ARG B 39 3.30 -2.14 -33.65
CA ARG B 39 2.90 -3.21 -32.72
C ARG B 39 3.64 -3.08 -31.41
N ASN B 40 2.86 -3.12 -30.29
CA ASN B 40 3.30 -3.09 -28.90
C ASN B 40 4.15 -1.86 -28.59
N SER B 41 3.88 -0.74 -29.28
CA SER B 41 4.61 0.51 -29.11
C SER B 41 4.03 1.34 -27.97
N ILE B 42 4.84 2.25 -27.43
CA ILE B 42 4.44 3.16 -26.35
C ILE B 42 3.32 4.07 -26.87
N ILE B 43 2.19 4.10 -26.16
CA ILE B 43 1.05 4.94 -26.52
C ILE B 43 1.33 6.33 -25.98
N GLY B 44 1.49 7.28 -26.90
CA GLY B 44 1.75 8.67 -26.53
C GLY B 44 0.55 9.37 -25.92
N GLU B 45 0.82 10.50 -25.24
CA GLU B 45 -0.16 11.36 -24.58
C GLU B 45 -1.32 11.78 -25.52
N LYS B 46 -1.04 11.98 -26.81
CA LYS B 46 -2.05 12.37 -27.79
C LYS B 46 -3.08 11.24 -28.03
N TYR B 47 -2.71 9.98 -27.76
CA TYR B 47 -3.62 8.86 -28.02
C TYR B 47 -4.23 8.32 -26.74
N ARG B 48 -4.48 9.20 -25.79
CA ARG B 48 -5.09 8.83 -24.51
C ARG B 48 -6.49 9.44 -24.39
N TRP B 49 -7.40 8.75 -23.69
CA TRP B 49 -8.75 9.27 -23.43
C TRP B 49 -8.71 10.30 -22.33
N PRO B 50 -9.72 11.19 -22.22
CA PRO B 50 -9.82 12.01 -20.99
C PRO B 50 -10.20 11.09 -19.82
N HIS B 51 -10.20 11.62 -18.58
CA HIS B 51 -10.55 10.84 -17.40
C HIS B 51 -11.95 10.28 -17.48
N THR B 52 -12.87 10.95 -18.20
CA THR B 52 -14.24 10.48 -18.39
C THR B 52 -14.42 10.09 -19.86
N ILE B 53 -14.73 8.82 -20.10
CA ILE B 53 -14.86 8.30 -21.47
C ILE B 53 -16.33 8.32 -21.91
N PRO B 54 -16.64 9.06 -23.01
CA PRO B 54 -18.02 9.06 -23.54
C PRO B 54 -18.26 7.75 -24.28
N TYR B 55 -19.45 7.18 -24.14
CA TYR B 55 -19.74 5.90 -24.77
C TYR B 55 -21.16 5.83 -25.31
N VAL B 56 -21.37 4.89 -26.22
CA VAL B 56 -22.68 4.52 -26.74
C VAL B 56 -22.76 3.02 -26.70
N LEU B 57 -23.85 2.50 -26.12
CA LEU B 57 -24.10 1.05 -26.18
C LEU B 57 -25.06 0.86 -27.36
N GLU B 58 -24.54 0.39 -28.49
CA GLU B 58 -25.35 0.27 -29.71
C GLU B 58 -26.44 -0.79 -29.59
N ASP B 59 -27.53 -0.63 -30.35
CA ASP B 59 -28.70 -1.52 -30.32
C ASP B 59 -28.41 -2.96 -30.74
N SER B 60 -27.32 -3.19 -31.50
CA SER B 60 -26.94 -4.54 -31.93
C SER B 60 -26.50 -5.38 -30.70
N LEU B 61 -26.08 -4.76 -29.58
CA LEU B 61 -25.64 -5.53 -28.43
C LEU B 61 -26.74 -6.40 -27.85
N GLU B 62 -26.39 -7.61 -27.42
CA GLU B 62 -27.34 -8.47 -26.72
C GLU B 62 -27.73 -7.76 -25.44
N MET B 63 -28.95 -7.96 -24.97
CA MET B 63 -29.43 -7.35 -23.71
C MET B 63 -28.49 -7.71 -22.52
N ASN B 64 -28.06 -8.96 -22.42
CA ASN B 64 -27.15 -9.36 -21.32
C ASN B 64 -25.83 -8.61 -21.40
N ALA B 65 -25.33 -8.42 -22.60
CA ALA B 65 -24.06 -7.69 -22.85
C ALA B 65 -24.16 -6.24 -22.39
N LYS B 66 -25.29 -5.59 -22.62
CA LYS B 66 -25.49 -4.19 -22.18
C LYS B 66 -25.38 -4.10 -20.66
N GLY B 67 -26.03 -5.01 -19.95
CA GLY B 67 -25.95 -5.03 -18.49
C GLY B 67 -24.57 -5.34 -17.95
N VAL B 68 -23.87 -6.29 -18.62
CA VAL B 68 -22.51 -6.67 -18.24
C VAL B 68 -21.54 -5.48 -18.43
N ILE B 69 -21.67 -4.75 -19.55
CA ILE B 69 -20.81 -3.60 -19.82
C ILE B 69 -21.00 -2.55 -18.73
N LEU B 70 -22.24 -2.24 -18.39
CA LEU B 70 -22.47 -1.25 -17.33
C LEU B 70 -21.92 -1.74 -15.99
N ASN B 71 -21.92 -3.08 -15.75
CA ASN B 71 -21.32 -3.67 -14.56
C ASN B 71 -19.79 -3.46 -14.59
N ALA B 72 -19.18 -3.58 -15.77
CA ALA B 72 -17.72 -3.37 -15.94
C ALA B 72 -17.38 -1.91 -15.60
N PHE B 73 -18.23 -0.99 -16.01
CA PHE B 73 -18.00 0.45 -15.71
C PHE B 73 -17.98 0.68 -14.19
N GLU B 74 -18.83 -0.05 -13.46
CA GLU B 74 -18.86 0.08 -12.00
C GLU B 74 -17.55 -0.39 -11.39
N ARG B 75 -16.88 -1.41 -11.98
CA ARG B 75 -15.57 -1.82 -11.46
C ARG B 75 -14.53 -0.73 -11.67
N TYR B 76 -14.54 -0.08 -12.84
CA TYR B 76 -13.64 1.06 -13.11
C TYR B 76 -13.92 2.17 -12.11
N ARG B 77 -15.21 2.42 -11.82
CA ARG B 77 -15.58 3.50 -10.90
C ARG B 77 -15.17 3.22 -9.46
N LEU B 78 -15.06 1.96 -9.07
CA LEU B 78 -14.63 1.67 -7.70
C LEU B 78 -13.12 1.69 -7.54
N LYS B 79 -12.39 1.18 -8.55
CA LYS B 79 -10.97 0.96 -8.37
C LYS B 79 -10.04 1.97 -9.05
N THR B 80 -10.59 2.88 -9.87
CA THR B 80 -9.78 3.84 -10.61
C THR B 80 -10.42 5.23 -10.60
N CYS B 81 -9.73 6.26 -11.15
CA CYS B 81 -10.39 7.56 -11.31
C CYS B 81 -10.93 7.70 -12.75
N ILE B 82 -11.00 6.58 -13.52
CA ILE B 82 -11.64 6.56 -14.86
C ILE B 82 -13.14 6.44 -14.67
N ASP B 83 -13.89 7.23 -15.42
CA ASP B 83 -15.34 7.18 -15.38
C ASP B 83 -15.85 7.10 -16.81
N PHE B 84 -17.13 6.83 -16.97
CA PHE B 84 -17.76 6.64 -18.27
C PHE B 84 -19.02 7.43 -18.28
N LYS B 85 -19.33 8.09 -19.39
CA LYS B 85 -20.58 8.82 -19.42
C LYS B 85 -21.23 8.61 -20.78
N PRO B 86 -22.58 8.59 -20.88
CA PRO B 86 -23.21 8.53 -22.23
C PRO B 86 -22.72 9.65 -23.11
N TRP B 87 -22.35 9.30 -24.38
CA TRP B 87 -21.87 10.30 -25.31
C TRP B 87 -22.90 11.45 -25.47
N ALA B 88 -22.43 12.69 -25.36
CA ALA B 88 -23.28 13.87 -25.48
C ALA B 88 -22.70 14.84 -26.50
N GLY B 89 -21.93 14.32 -27.46
CA GLY B 89 -21.38 15.17 -28.51
C GLY B 89 -19.90 15.50 -28.43
N GLU B 90 -19.18 14.91 -27.46
CA GLU B 90 -17.70 15.01 -27.37
C GLU B 90 -17.10 14.54 -28.72
N THR B 91 -15.91 15.03 -29.06
CA THR B 91 -15.29 14.80 -30.35
C THR B 91 -14.98 13.28 -30.57
N ASN B 92 -14.56 12.57 -29.55
CA ASN B 92 -14.24 11.14 -29.63
C ASN B 92 -15.03 10.37 -28.61
N TYR B 93 -15.51 9.18 -28.99
CA TYR B 93 -16.26 8.36 -28.05
C TYR B 93 -16.11 6.90 -28.44
N ILE B 94 -16.45 6.01 -27.52
CA ILE B 94 -16.40 4.58 -27.79
C ILE B 94 -17.77 4.09 -28.14
N SER B 95 -17.89 3.46 -29.30
CA SER B 95 -19.13 2.86 -29.77
C SER B 95 -19.04 1.35 -29.48
N VAL B 96 -19.74 0.87 -28.47
CA VAL B 96 -19.71 -0.55 -28.10
C VAL B 96 -20.80 -1.24 -28.91
N PHE B 97 -20.43 -2.26 -29.69
CA PHE B 97 -21.43 -2.90 -30.56
C PHE B 97 -21.21 -4.37 -30.70
N LYS B 98 -22.19 -5.08 -31.28
CA LYS B 98 -22.03 -6.52 -31.43
C LYS B 98 -21.37 -6.80 -32.76
N GLY B 99 -20.04 -6.83 -32.77
CA GLY B 99 -19.30 -7.19 -33.98
C GLY B 99 -19.01 -8.68 -33.90
N SER B 100 -18.06 -9.15 -34.70
CA SER B 100 -17.62 -10.52 -34.68
C SER B 100 -16.51 -10.63 -33.64
N GLY B 101 -16.74 -11.40 -32.58
CA GLY B 101 -15.75 -11.54 -31.52
C GLY B 101 -15.64 -10.35 -30.57
N CYS B 102 -14.57 -10.35 -29.76
CA CYS B 102 -14.29 -9.30 -28.76
C CYS B 102 -13.04 -8.64 -29.18
N TRP B 103 -13.05 -7.30 -29.34
CA TRP B 103 -11.85 -6.62 -29.79
C TRP B 103 -11.91 -5.13 -29.56
N SER B 104 -10.76 -4.48 -29.66
CA SER B 104 -10.64 -3.01 -29.50
C SER B 104 -9.38 -2.53 -30.16
N SER B 105 -9.35 -1.22 -30.48
CA SER B 105 -8.14 -0.55 -30.91
C SER B 105 -7.34 -0.32 -29.61
N VAL B 106 -6.05 0.00 -29.74
CA VAL B 106 -5.25 0.30 -28.53
C VAL B 106 -5.06 1.85 -28.49
N GLY B 107 -5.62 2.46 -27.45
CA GLY B 107 -5.55 3.91 -27.26
C GLY B 107 -6.76 4.62 -27.83
N ASN B 108 -6.81 5.93 -27.59
CA ASN B 108 -7.80 6.84 -28.18
C ASN B 108 -7.28 7.15 -29.56
N ARG B 109 -7.86 6.56 -30.62
CA ARG B 109 -7.31 6.78 -31.98
C ARG B 109 -7.67 8.15 -32.55
N ARG B 110 -8.47 8.93 -31.83
CA ARG B 110 -8.92 10.27 -32.25
C ARG B 110 -9.55 10.18 -33.65
N VAL B 111 -10.51 9.27 -33.83
CA VAL B 111 -11.20 9.08 -35.12
C VAL B 111 -12.69 9.45 -35.01
N GLY B 112 -13.08 10.02 -33.89
CA GLY B 112 -14.47 10.36 -33.59
C GLY B 112 -15.14 9.15 -32.99
N LYS B 113 -16.01 8.46 -33.75
CA LYS B 113 -16.66 7.24 -33.28
C LYS B 113 -15.63 6.09 -33.35
N GLN B 114 -15.26 5.54 -32.21
CA GLN B 114 -14.28 4.45 -32.15
C GLN B 114 -14.96 3.16 -31.71
N GLU B 115 -15.00 2.14 -32.60
CA GLU B 115 -15.65 0.87 -32.30
C GLU B 115 -14.88 0.01 -31.31
N LEU B 116 -15.65 -0.72 -30.51
CA LEU B 116 -15.18 -1.73 -29.55
C LEU B 116 -16.22 -2.83 -29.65
N SER B 117 -15.80 -4.04 -29.99
CA SER B 117 -16.79 -5.10 -30.16
C SER B 117 -16.89 -5.98 -28.95
N ILE B 118 -18.13 -6.22 -28.54
CA ILE B 118 -18.53 -7.20 -27.52
C ILE B 118 -19.51 -8.09 -28.24
N GLY B 119 -19.01 -9.09 -28.94
CA GLY B 119 -19.86 -9.93 -29.77
C GLY B 119 -20.44 -11.11 -29.00
N ALA B 120 -21.02 -12.06 -29.73
CA ALA B 120 -21.56 -13.26 -29.07
C ALA B 120 -20.44 -13.94 -28.26
N ASN B 121 -20.78 -14.36 -27.02
CA ASN B 121 -19.90 -15.03 -26.07
C ASN B 121 -18.86 -14.08 -25.40
N CYS B 122 -18.92 -12.78 -25.70
CA CYS B 122 -17.99 -11.81 -25.09
C CYS B 122 -18.60 -11.09 -23.87
N ASP B 123 -19.87 -11.38 -23.53
CA ASP B 123 -20.63 -10.77 -22.44
C ASP B 123 -20.19 -11.35 -21.07
N ARG B 124 -18.90 -11.11 -20.75
CA ARG B 124 -18.28 -11.47 -19.47
C ARG B 124 -17.62 -10.22 -18.97
N ILE B 125 -17.79 -9.90 -17.68
CA ILE B 125 -17.29 -8.63 -17.17
C ILE B 125 -15.78 -8.48 -17.37
N ALA B 126 -14.98 -9.52 -17.16
CA ALA B 126 -13.53 -9.36 -17.31
C ALA B 126 -13.15 -9.20 -18.78
N THR B 127 -13.95 -9.76 -19.70
CA THR B 127 -13.67 -9.52 -21.15
C THR B 127 -13.88 -8.04 -21.44
N VAL B 128 -14.99 -7.48 -20.95
CA VAL B 128 -15.26 -6.05 -21.14
C VAL B 128 -14.11 -5.22 -20.54
N GLN B 129 -13.69 -5.56 -19.31
CA GLN B 129 -12.58 -4.85 -18.64
C GLN B 129 -11.31 -4.90 -19.47
N HIS B 130 -10.98 -6.08 -20.01
CA HIS B 130 -9.81 -6.29 -20.84
C HIS B 130 -9.89 -5.43 -22.13
N GLU B 131 -11.02 -5.45 -22.82
CA GLU B 131 -11.17 -4.66 -24.06
C GLU B 131 -11.08 -3.15 -23.78
N PHE B 132 -11.62 -2.69 -22.65
CA PHE B 132 -11.52 -1.27 -22.31
C PHE B 132 -10.09 -0.91 -21.87
N LEU B 133 -9.29 -1.89 -21.36
CA LEU B 133 -7.87 -1.57 -21.04
C LEU B 133 -7.11 -1.36 -22.35
N HIS B 134 -7.45 -2.12 -23.40
CA HIS B 134 -6.87 -1.85 -24.74
C HIS B 134 -7.25 -0.44 -25.14
N ALA B 135 -8.56 -0.09 -25.05
CA ALA B 135 -9.00 1.27 -25.45
C ALA B 135 -8.23 2.33 -24.69
N LEU B 136 -7.91 2.09 -23.41
CA LEU B 136 -7.15 3.02 -22.59
C LEU B 136 -5.66 3.12 -22.95
N GLY B 137 -5.16 2.14 -23.71
CA GLY B 137 -3.79 2.18 -24.22
C GLY B 137 -2.86 1.07 -23.76
N PHE B 138 -3.41 -0.03 -23.27
CA PHE B 138 -2.58 -1.14 -22.81
C PHE B 138 -2.55 -2.28 -23.80
N TRP B 139 -1.41 -2.96 -23.89
CA TRP B 139 -1.24 -4.09 -24.78
C TRP B 139 -1.40 -5.36 -23.95
N HIS B 140 -0.71 -6.45 -24.30
CA HIS B 140 -0.81 -7.65 -23.49
C HIS B 140 0.43 -7.82 -22.62
N GLU B 141 0.32 -8.59 -21.55
CA GLU B 141 1.46 -8.72 -20.64
C GLU B 141 2.58 -9.59 -21.18
N GLN B 142 2.26 -10.73 -21.84
CA GLN B 142 3.29 -11.70 -22.25
C GLN B 142 4.17 -11.24 -23.43
N SER B 143 3.94 -10.04 -23.96
CA SER B 143 4.73 -9.46 -25.04
C SER B 143 5.87 -8.54 -24.47
N ARG B 144 5.95 -8.38 -23.11
CA ARG B 144 7.01 -7.55 -22.48
C ARG B 144 8.38 -8.00 -22.93
N SER B 145 9.34 -7.09 -23.09
CA SER B 145 10.66 -7.46 -23.60
C SER B 145 11.43 -8.46 -22.72
N ASP B 146 11.06 -8.55 -21.42
CA ASP B 146 11.72 -9.50 -20.50
C ASP B 146 10.91 -10.77 -20.28
N ARG B 147 9.86 -11.00 -21.09
CA ARG B 147 8.90 -12.09 -20.88
C ARG B 147 9.56 -13.50 -20.86
N ASP B 148 10.64 -13.71 -21.64
CA ASP B 148 11.33 -15.01 -21.70
C ASP B 148 12.00 -15.36 -20.38
N ASP B 149 12.16 -14.40 -19.45
CA ASP B 149 12.69 -14.68 -18.11
C ASP B 149 11.59 -15.25 -17.20
N TYR B 150 10.32 -15.14 -17.61
CA TYR B 150 9.19 -15.55 -16.79
C TYR B 150 8.35 -16.64 -17.43
N VAL B 151 8.31 -16.76 -18.77
CA VAL B 151 7.51 -17.79 -19.45
C VAL B 151 8.31 -18.47 -20.64
N ARG B 152 7.90 -19.70 -21.02
CA ARG B 152 8.48 -20.42 -22.15
C ARG B 152 7.44 -20.48 -23.28
N ILE B 153 7.80 -20.09 -24.52
CA ILE B 153 6.84 -20.20 -25.64
C ILE B 153 7.10 -21.55 -26.36
N MET B 154 6.07 -22.39 -26.53
CA MET B 154 6.20 -23.71 -27.16
C MET B 154 5.83 -23.56 -28.64
N TRP B 155 6.76 -23.02 -29.43
CA TRP B 155 6.57 -22.62 -30.83
C TRP B 155 5.95 -23.71 -31.73
N ASP B 156 6.32 -24.96 -31.53
CA ASP B 156 5.86 -26.15 -32.24
C ASP B 156 4.34 -26.43 -32.05
N ARG B 157 3.74 -25.84 -30.99
CA ARG B 157 2.35 -26.06 -30.59
C ARG B 157 1.39 -24.98 -31.10
N ILE B 158 1.91 -23.94 -31.74
CA ILE B 158 1.08 -22.85 -32.21
C ILE B 158 0.49 -23.18 -33.59
N LEU B 159 -0.82 -22.95 -33.75
CA LEU B 159 -1.53 -23.09 -35.02
C LEU B 159 -0.78 -22.32 -36.12
N SER B 160 -0.66 -22.92 -37.32
CA SER B 160 -0.01 -22.31 -38.48
C SER B 160 -0.58 -20.93 -38.73
N GLY B 161 0.31 -19.96 -38.95
CA GLY B 161 -0.04 -18.57 -39.22
C GLY B 161 -0.40 -17.78 -37.98
N ARG B 162 -0.21 -18.38 -36.79
CA ARG B 162 -0.52 -17.71 -35.53
C ARG B 162 0.76 -17.37 -34.71
N GLU B 163 1.98 -17.73 -35.23
CA GLU B 163 3.28 -17.43 -34.59
C GLU B 163 3.45 -15.92 -34.35
N HIS B 164 2.89 -15.07 -35.25
CA HIS B 164 2.93 -13.61 -35.17
C HIS B 164 2.31 -13.08 -33.84
N ASN B 165 1.43 -13.87 -33.18
CA ASN B 165 0.77 -13.49 -31.91
C ASN B 165 1.72 -13.65 -30.67
N PHE B 166 2.95 -14.15 -30.88
CA PHE B 166 3.93 -14.37 -29.82
C PHE B 166 5.29 -13.69 -30.04
N ASN B 167 5.51 -13.07 -31.20
CA ASN B 167 6.83 -12.48 -31.38
C ASN B 167 6.82 -11.00 -31.03
N THR B 168 7.36 -10.69 -29.80
CA THR B 168 7.49 -9.33 -29.21
C THR B 168 7.96 -8.28 -30.23
N LEU B 177 5.69 2.41 -13.40
CA LEU B 177 7.00 2.26 -14.05
C LEU B 177 7.82 1.15 -13.37
N ASN B 178 8.49 0.32 -14.18
CA ASN B 178 9.28 -0.84 -13.79
C ASN B 178 8.52 -1.73 -12.77
N VAL B 179 7.32 -2.11 -13.16
CA VAL B 179 6.47 -3.02 -12.39
C VAL B 179 6.96 -4.45 -12.72
N PRO B 180 7.09 -5.37 -11.74
CA PRO B 180 7.47 -6.76 -12.08
C PRO B 180 6.47 -7.42 -13.04
N TYR B 181 6.95 -8.40 -13.83
CA TYR B 181 6.12 -9.23 -14.71
C TYR B 181 4.92 -9.70 -13.92
N ASP B 182 3.76 -9.49 -14.47
CA ASP B 182 2.52 -9.81 -13.76
C ASP B 182 1.80 -11.04 -14.33
N TYR B 183 2.02 -12.22 -13.70
CA TYR B 183 1.35 -13.46 -14.09
C TYR B 183 -0.17 -13.37 -13.98
N THR B 184 -0.64 -12.54 -13.07
CA THR B 184 -2.09 -12.41 -12.76
C THR B 184 -2.76 -11.29 -13.56
N SER B 185 -2.06 -10.66 -14.50
CA SER B 185 -2.67 -9.58 -15.29
C SER B 185 -3.91 -10.10 -16.04
N VAL B 186 -4.98 -9.26 -16.10
CA VAL B 186 -6.15 -9.61 -16.88
C VAL B 186 -5.80 -9.52 -18.38
N MET B 187 -4.59 -8.99 -18.69
CA MET B 187 -4.11 -8.77 -20.04
C MET B 187 -3.11 -9.85 -20.47
N HIS B 188 -2.99 -10.94 -19.71
CA HIS B 188 -2.07 -12.01 -20.06
C HIS B 188 -2.80 -13.16 -20.74
N TYR B 189 -2.21 -13.73 -21.80
CA TYR B 189 -2.74 -14.94 -22.42
C TYR B 189 -2.88 -16.08 -21.41
N SER B 190 -3.82 -16.99 -21.64
CA SER B 190 -3.81 -18.19 -20.82
C SER B 190 -2.77 -19.12 -21.48
N LYS B 191 -2.45 -20.20 -20.83
CA LYS B 191 -1.50 -21.20 -21.34
C LYS B 191 -1.95 -21.91 -22.67
N THR B 192 -3.24 -21.82 -23.06
CA THR B 192 -3.79 -22.52 -24.23
C THR B 192 -3.89 -21.63 -25.46
N ALA B 193 -3.53 -20.34 -25.33
CA ALA B 193 -3.64 -19.40 -26.43
C ALA B 193 -3.10 -19.95 -27.79
N PHE B 194 -3.96 -19.97 -28.83
CA PHE B 194 -3.65 -20.34 -30.22
C PHE B 194 -3.04 -21.74 -30.34
N GLN B 195 -3.33 -22.60 -29.36
CA GLN B 195 -2.78 -23.95 -29.37
C GLN B 195 -3.36 -24.80 -30.48
N ASN B 196 -2.53 -25.68 -30.97
CA ASN B 196 -2.88 -26.71 -31.91
C ASN B 196 -2.65 -27.97 -31.12
N GLY B 197 -3.73 -28.57 -30.64
CA GLY B 197 -3.67 -29.77 -29.81
C GLY B 197 -4.09 -29.54 -28.38
N THR B 198 -3.69 -30.45 -27.49
CA THR B 198 -4.04 -30.41 -26.06
C THR B 198 -2.88 -29.90 -25.18
N GLU B 199 -1.72 -29.55 -25.80
CA GLU B 199 -0.56 -29.09 -25.05
C GLU B 199 -0.47 -27.56 -24.99
N PRO B 200 -0.06 -26.99 -23.83
CA PRO B 200 -0.02 -25.51 -23.71
C PRO B 200 1.04 -24.83 -24.60
N THR B 201 0.71 -23.67 -25.16
CA THR B 201 1.60 -22.85 -25.97
C THR B 201 2.50 -21.97 -25.08
N ILE B 202 2.03 -21.59 -23.87
CA ILE B 202 2.77 -20.77 -22.88
C ILE B 202 2.84 -21.53 -21.59
N VAL B 203 4.04 -21.70 -21.10
CA VAL B 203 4.31 -22.45 -19.88
C VAL B 203 5.14 -21.55 -19.02
N THR B 204 4.68 -21.27 -17.82
CA THR B 204 5.41 -20.41 -16.91
C THR B 204 6.68 -21.16 -16.52
N ARG B 205 7.78 -20.42 -16.28
CA ARG B 205 9.05 -21.05 -15.88
C ARG B 205 8.88 -21.72 -14.51
N ILE B 206 8.21 -21.02 -13.60
CA ILE B 206 7.83 -21.51 -12.29
C ILE B 206 6.56 -22.34 -12.50
N SER B 207 6.56 -23.58 -12.01
CA SER B 207 5.40 -24.47 -12.16
C SER B 207 4.13 -23.92 -11.45
N ASP B 208 4.28 -23.21 -10.30
CA ASP B 208 3.18 -22.64 -9.53
C ASP B 208 2.17 -21.90 -10.42
N PHE B 209 2.67 -20.94 -11.25
CA PHE B 209 1.83 -20.04 -12.02
C PHE B 209 1.33 -20.64 -13.34
N GLU B 210 1.60 -21.93 -13.63
CA GLU B 210 1.18 -22.54 -14.90
C GLU B 210 -0.31 -22.32 -15.20
N ASP B 211 -1.16 -22.47 -14.18
CA ASP B 211 -2.61 -22.32 -14.35
C ASP B 211 -3.11 -20.97 -13.79
N VAL B 212 -2.19 -20.10 -13.33
CA VAL B 212 -2.57 -18.78 -12.83
C VAL B 212 -2.69 -17.79 -14.02
N ILE B 213 -1.76 -17.89 -15.00
CA ILE B 213 -1.82 -17.02 -16.19
C ILE B 213 -3.17 -17.21 -16.89
N GLY B 214 -3.66 -16.11 -17.43
CA GLY B 214 -4.93 -16.06 -18.11
C GLY B 214 -6.10 -15.86 -17.16
N GLN B 215 -5.89 -15.21 -16.01
CA GLN B 215 -7.04 -15.02 -15.13
C GLN B 215 -8.03 -13.99 -15.72
N ARG B 216 -9.30 -14.32 -15.62
CA ARG B 216 -10.36 -13.47 -16.20
C ARG B 216 -11.42 -13.23 -15.12
N MET B 217 -10.96 -12.83 -13.92
CA MET B 217 -11.92 -12.57 -12.86
C MET B 217 -12.12 -11.07 -12.74
N ASP B 218 -11.02 -10.32 -12.69
CA ASP B 218 -11.06 -8.83 -12.48
C ASP B 218 -9.68 -8.25 -12.83
N PHE B 219 -9.49 -6.96 -12.62
CA PHE B 219 -8.16 -6.35 -12.73
C PHE B 219 -7.23 -6.97 -11.73
N SER B 220 -5.92 -7.11 -12.05
CA SER B 220 -4.97 -7.47 -10.99
C SER B 220 -4.51 -6.19 -10.28
N ASP B 221 -3.84 -6.31 -9.13
CA ASP B 221 -3.29 -5.11 -8.44
C ASP B 221 -2.30 -4.36 -9.35
N SER B 222 -1.49 -5.09 -10.16
CA SER B 222 -0.56 -4.38 -11.07
C SER B 222 -1.26 -3.74 -12.22
N ASP B 223 -2.38 -4.34 -12.72
CA ASP B 223 -3.18 -3.69 -13.78
C ASP B 223 -3.67 -2.33 -13.28
N LEU B 224 -4.15 -2.30 -12.03
CA LEU B 224 -4.68 -1.07 -11.42
C LEU B 224 -3.60 -0.07 -11.14
N LEU B 225 -2.41 -0.51 -10.69
CA LEU B 225 -1.33 0.43 -10.41
C LEU B 225 -0.91 1.17 -11.70
N LYS B 226 -0.78 0.44 -12.80
CA LYS B 226 -0.39 1.04 -14.09
C LYS B 226 -1.41 2.03 -14.56
N LEU B 227 -2.69 1.69 -14.47
CA LEU B 227 -3.76 2.57 -14.93
C LEU B 227 -3.88 3.79 -14.03
N ASN B 228 -3.82 3.59 -12.70
CA ASN B 228 -3.97 4.69 -11.75
C ASN B 228 -2.79 5.64 -11.81
N GLN B 229 -1.59 5.12 -12.05
CA GLN B 229 -0.41 5.97 -12.23
C GLN B 229 -0.53 6.79 -13.53
N LEU B 230 -1.05 6.18 -14.59
CA LEU B 230 -1.23 6.88 -15.89
C LEU B 230 -2.22 8.05 -15.77
N TYR B 231 -3.27 7.92 -14.97
CA TYR B 231 -4.27 8.98 -14.82
C TYR B 231 -4.17 9.72 -13.53
N ASN B 232 -3.04 9.56 -12.81
CA ASN B 232 -2.79 10.29 -11.56
C ASN B 232 -3.94 10.14 -10.57
N CYS B 233 -4.49 8.93 -10.44
CA CYS B 233 -5.66 8.73 -9.58
C CYS B 233 -5.29 8.77 -8.10
N SER B 234 -5.95 9.62 -7.35
CA SER B 234 -5.74 9.67 -5.89
C SER B 234 -7.05 9.24 -5.19
N SER B 235 -8.13 9.07 -6.00
CA SER B 235 -9.43 8.64 -5.50
C SER B 235 -10.20 7.95 -6.62
N SER B 236 -11.38 7.44 -6.31
CA SER B 236 -12.19 6.82 -7.35
C SER B 236 -13.57 7.43 -7.20
N LEU B 237 -14.48 7.12 -8.08
CA LEU B 237 -15.81 7.66 -7.93
C LEU B 237 -16.54 7.00 -6.77
N SER B 238 -16.36 5.68 -6.56
CA SER B 238 -17.22 5.03 -5.59
C SER B 238 -16.56 4.42 -4.40
N PHE B 239 -15.25 4.48 -4.26
CA PHE B 239 -14.68 3.96 -3.01
C PHE B 239 -14.87 5.01 -1.90
N MET B 240 -15.29 4.59 -0.68
CA MET B 240 -15.38 5.55 0.40
C MET B 240 -14.43 5.17 1.54
N ASP B 241 -14.51 3.93 2.06
CA ASP B 241 -13.65 3.55 3.20
C ASP B 241 -13.53 2.07 3.37
N SER B 242 -12.43 1.63 3.96
CA SER B 242 -12.17 0.22 4.27
C SER B 242 -11.47 0.17 5.63
N CYS B 243 -12.02 -0.58 6.60
CA CYS B 243 -11.32 -0.64 7.91
C CYS B 243 -11.30 -2.03 8.45
N SER B 244 -10.07 -2.59 8.65
CA SER B 244 -9.82 -3.93 9.20
C SER B 244 -9.17 -3.86 10.58
N PHE B 245 -9.05 -2.65 11.14
CA PHE B 245 -8.51 -2.40 12.49
C PHE B 245 -7.07 -2.92 12.70
N GLU B 246 -6.29 -2.99 11.62
CA GLU B 246 -4.89 -3.46 11.64
C GLU B 246 -3.92 -2.46 12.28
N LEU B 247 -4.32 -1.17 12.37
CA LEU B 247 -3.50 -0.16 13.01
C LEU B 247 -4.23 0.41 14.22
N GLU B 248 -3.48 0.91 15.20
CA GLU B 248 -3.96 1.44 16.47
C GLU B 248 -4.86 2.68 16.29
N ASN B 249 -4.74 3.44 15.18
CA ASN B 249 -5.59 4.63 14.99
C ASN B 249 -6.96 4.24 14.39
N VAL B 250 -7.14 2.93 14.13
CA VAL B 250 -8.38 2.30 13.65
C VAL B 250 -9.08 3.11 12.54
N CYS B 251 -8.34 3.54 11.51
CA CYS B 251 -8.81 4.28 10.31
C CYS B 251 -9.59 5.55 10.65
N GLY B 252 -9.26 6.17 11.76
CA GLY B 252 -9.94 7.40 12.19
C GLY B 252 -11.31 7.19 12.78
N MET B 253 -11.68 5.93 13.13
CA MET B 253 -12.98 5.69 13.81
C MET B 253 -12.88 6.22 15.22
N ILE B 254 -13.99 6.77 15.74
CA ILE B 254 -14.08 7.53 17.00
C ILE B 254 -14.98 6.86 18.02
N GLN B 255 -14.61 6.95 19.29
CA GLN B 255 -15.46 6.49 20.39
C GLN B 255 -15.16 7.29 21.65
N ASN B 260 -14.13 5.56 29.49
CA ASN B 260 -13.43 4.48 28.80
C ASN B 260 -14.09 4.11 27.44
N ALA B 261 -13.29 3.53 26.52
CA ALA B 261 -13.74 3.09 25.20
C ALA B 261 -14.62 1.85 25.33
N ASP B 262 -15.83 1.92 24.80
CA ASP B 262 -16.77 0.83 24.90
C ASP B 262 -16.47 -0.28 23.91
N TRP B 263 -16.03 0.06 22.70
CA TRP B 263 -15.57 -0.91 21.73
C TRP B 263 -14.07 -1.04 21.95
N GLN B 264 -13.58 -2.26 22.11
CA GLN B 264 -12.16 -2.45 22.35
C GLN B 264 -11.49 -3.11 21.16
N ARG B 265 -10.30 -2.63 20.78
CA ARG B 265 -9.51 -3.25 19.70
C ARG B 265 -8.76 -4.43 20.33
N VAL B 266 -9.14 -5.65 19.95
CA VAL B 266 -8.59 -6.89 20.53
C VAL B 266 -8.20 -7.86 19.44
N SER B 267 -7.39 -8.88 19.79
CA SER B 267 -6.99 -9.92 18.84
C SER B 267 -7.76 -11.23 19.09
N GLN B 268 -8.50 -11.29 20.22
CA GLN B 268 -9.29 -12.46 20.66
C GLN B 268 -10.22 -12.11 21.82
N VAL B 269 -11.31 -12.91 21.97
CA VAL B 269 -12.31 -12.80 23.05
C VAL B 269 -12.49 -14.20 23.63
N PRO B 270 -12.39 -14.39 24.98
CA PRO B 270 -12.49 -15.75 25.56
C PRO B 270 -13.68 -16.59 25.07
N ARG B 271 -14.89 -16.01 24.98
CA ARG B 271 -16.07 -16.78 24.53
C ARG B 271 -16.22 -16.78 23.00
N GLY B 272 -15.36 -16.04 22.30
CA GLY B 272 -15.36 -16.01 20.85
C GLY B 272 -15.54 -14.62 20.29
N PRO B 273 -14.89 -14.28 19.15
CA PRO B 273 -14.00 -15.13 18.32
C PRO B 273 -12.58 -15.26 18.87
N GLU B 274 -11.95 -16.40 18.54
CA GLU B 274 -10.58 -16.74 18.92
C GLU B 274 -9.58 -15.90 18.14
N SER B 275 -10.02 -15.29 17.01
CA SER B 275 -9.17 -14.46 16.18
C SER B 275 -9.99 -13.51 15.34
N ASP B 276 -9.31 -12.55 14.67
CA ASP B 276 -9.96 -11.55 13.83
C ASP B 276 -10.43 -12.20 12.54
N HIS B 277 -11.23 -11.50 11.76
CA HIS B 277 -11.71 -12.08 10.53
C HIS B 277 -10.70 -11.89 9.38
N SER B 278 -10.07 -10.70 9.31
CA SER B 278 -9.13 -10.27 8.24
C SER B 278 -8.04 -11.32 8.05
N ASN B 279 -7.50 -11.84 9.17
CA ASN B 279 -6.52 -12.93 9.26
C ASN B 279 -5.32 -12.73 8.33
N GLY B 285 -1.88 -9.50 19.26
CA GLY B 285 -1.73 -10.51 18.21
C GLY B 285 -1.40 -9.95 16.85
N SER B 286 -1.65 -10.75 15.79
CA SER B 286 -1.39 -10.35 14.41
C SER B 286 -2.58 -9.59 13.80
N GLY B 287 -3.80 -10.12 14.01
CA GLY B 287 -5.02 -9.51 13.51
C GLY B 287 -5.84 -8.85 14.61
N PHE B 288 -6.63 -7.83 14.26
CA PHE B 288 -7.44 -7.17 15.29
C PHE B 288 -8.86 -6.95 14.82
N PHE B 289 -9.79 -6.81 15.76
CA PHE B 289 -11.19 -6.50 15.50
C PHE B 289 -11.72 -5.64 16.64
N MET B 290 -12.90 -5.05 16.46
CA MET B 290 -13.50 -4.25 17.54
C MET B 290 -14.51 -5.08 18.27
N HIS B 291 -14.48 -5.02 19.61
CA HIS B 291 -15.35 -5.84 20.41
C HIS B 291 -16.12 -5.06 21.46
N PHE B 292 -17.44 -5.30 21.53
CA PHE B 292 -18.28 -4.73 22.56
C PHE B 292 -18.57 -5.86 23.53
N ASP B 293 -17.99 -5.80 24.73
CA ASP B 293 -18.20 -6.84 25.70
C ASP B 293 -19.49 -6.56 26.46
N SER B 294 -20.61 -6.97 25.85
CA SER B 294 -21.96 -6.81 26.39
C SER B 294 -22.16 -7.58 27.73
N SER B 295 -21.34 -8.62 28.01
CA SER B 295 -21.43 -9.41 29.24
C SER B 295 -21.03 -8.59 30.49
N SER B 296 -20.12 -7.63 30.33
CA SER B 296 -19.61 -6.85 31.46
C SER B 296 -20.39 -5.53 31.73
N VAL B 297 -21.57 -5.30 31.08
CA VAL B 297 -22.34 -4.06 31.30
C VAL B 297 -23.81 -4.39 31.61
N ASN B 298 -24.58 -3.40 32.10
CA ASN B 298 -25.99 -3.60 32.44
C ASN B 298 -26.83 -3.70 31.17
N VAL B 299 -28.04 -4.30 31.29
CA VAL B 299 -29.04 -4.35 30.22
C VAL B 299 -29.37 -2.90 29.81
N GLY B 300 -29.43 -2.68 28.53
CA GLY B 300 -29.72 -1.35 27.96
C GLY B 300 -28.49 -0.52 27.70
N ALA B 301 -27.31 -0.98 28.18
CA ALA B 301 -26.07 -0.26 27.92
C ALA B 301 -25.72 -0.28 26.43
N THR B 302 -25.14 0.81 25.94
CA THR B 302 -24.77 0.93 24.53
C THR B 302 -23.30 1.30 24.41
N ALA B 303 -22.72 0.97 23.24
CA ALA B 303 -21.35 1.25 22.85
C ALA B 303 -21.39 1.85 21.49
N VAL B 304 -20.80 3.01 21.34
CA VAL B 304 -20.86 3.71 20.06
C VAL B 304 -19.49 3.85 19.44
N LEU B 305 -19.40 3.48 18.16
CA LEU B 305 -18.21 3.58 17.34
C LEU B 305 -18.67 4.32 16.07
N GLU B 306 -17.99 5.41 15.72
CA GLU B 306 -18.37 6.24 14.57
C GLU B 306 -17.27 6.28 13.58
N SER B 307 -17.58 6.28 12.28
CA SER B 307 -16.54 6.47 11.26
C SER B 307 -16.03 7.90 11.31
N ARG B 308 -14.93 8.17 10.58
CA ARG B 308 -14.54 9.58 10.40
C ARG B 308 -15.57 10.19 9.42
N THR B 309 -15.52 11.50 9.19
CA THR B 309 -16.43 12.16 8.23
C THR B 309 -16.08 11.72 6.83
N LEU B 310 -17.11 11.32 6.10
CA LEU B 310 -17.03 10.81 4.72
C LEU B 310 -17.77 11.75 3.76
N TYR B 311 -17.32 11.83 2.51
CA TYR B 311 -17.80 12.78 1.52
C TYR B 311 -18.34 12.03 0.31
N PRO B 312 -19.69 11.89 0.19
CA PRO B 312 -20.25 11.09 -0.90
C PRO B 312 -20.27 11.87 -2.21
N LYS B 313 -20.15 11.13 -3.30
CA LYS B 313 -20.18 11.68 -4.65
C LYS B 313 -21.40 11.22 -5.41
N ARG B 314 -22.04 10.14 -4.93
CA ARG B 314 -23.22 9.54 -5.62
C ARG B 314 -24.41 9.58 -4.64
N GLY B 315 -25.61 9.22 -4.99
CA GLY B 315 -26.61 9.29 -3.92
C GLY B 315 -26.98 7.97 -3.29
N PHE B 316 -26.08 6.95 -3.33
CA PHE B 316 -26.41 5.62 -2.85
C PHE B 316 -25.13 4.95 -2.41
N GLN B 317 -25.21 4.18 -1.33
CA GLN B 317 -24.02 3.54 -0.78
C GLN B 317 -24.35 2.16 -0.27
N CYS B 318 -23.30 1.37 -0.11
CA CYS B 318 -23.41 0.03 0.43
C CYS B 318 -22.41 -0.08 1.55
N LEU B 319 -22.89 -0.21 2.77
CA LEU B 319 -22.04 -0.41 3.94
C LEU B 319 -22.01 -1.90 4.22
N GLN B 320 -20.82 -2.50 4.33
CA GLN B 320 -20.73 -3.93 4.61
C GLN B 320 -19.68 -4.20 5.67
N PHE B 321 -19.83 -5.32 6.41
CA PHE B 321 -18.95 -5.67 7.51
C PHE B 321 -19.27 -7.07 7.98
N TYR B 322 -18.34 -7.64 8.73
CA TYR B 322 -18.54 -8.93 9.31
C TYR B 322 -18.82 -8.75 10.79
N LEU B 323 -19.76 -9.53 11.32
CA LEU B 323 -20.17 -9.50 12.72
C LEU B 323 -20.06 -10.86 13.30
N TYR B 324 -19.66 -10.91 14.58
CA TYR B 324 -19.59 -12.15 15.33
C TYR B 324 -20.30 -11.88 16.63
N ASN B 325 -21.28 -12.70 16.95
CA ASN B 325 -22.00 -12.57 18.21
C ASN B 325 -21.69 -13.74 19.13
N SER B 326 -21.09 -13.48 20.31
CA SER B 326 -20.87 -14.51 21.32
C SER B 326 -21.76 -14.18 22.54
N GLY B 327 -22.60 -13.14 22.40
CA GLY B 327 -23.50 -12.67 23.44
C GLY B 327 -24.88 -13.30 23.28
N SER B 328 -25.95 -12.54 23.59
CA SER B 328 -27.29 -13.13 23.50
C SER B 328 -28.00 -12.83 22.21
N GLU B 329 -29.13 -13.53 21.98
CA GLU B 329 -29.99 -13.31 20.82
C GLU B 329 -30.73 -11.98 20.98
N SER B 330 -30.75 -11.43 22.20
CA SER B 330 -31.42 -10.16 22.52
C SER B 330 -30.48 -8.95 22.30
N ASP B 331 -29.17 -9.18 22.10
CA ASP B 331 -28.28 -8.05 21.83
C ASP B 331 -28.53 -7.53 20.41
N GLN B 332 -28.24 -6.24 20.13
CA GLN B 332 -28.48 -5.75 18.77
C GLN B 332 -27.45 -4.73 18.38
N LEU B 333 -27.36 -4.50 17.08
CA LEU B 333 -26.48 -3.51 16.53
C LEU B 333 -27.34 -2.54 15.75
N ASN B 334 -27.32 -1.27 16.17
CA ASN B 334 -28.01 -0.19 15.47
C ASN B 334 -27.06 0.58 14.62
N ILE B 335 -27.48 0.92 13.42
CA ILE B 335 -26.68 1.70 12.49
C ILE B 335 -27.39 3.04 12.32
N TYR B 336 -26.69 4.12 12.56
CA TYR B 336 -27.21 5.48 12.33
C TYR B 336 -26.36 6.15 11.32
N ILE B 337 -26.91 7.21 10.71
CA ILE B 337 -26.18 8.10 9.84
C ILE B 337 -26.29 9.46 10.47
N ARG B 338 -25.16 10.16 10.62
CA ARG B 338 -25.21 11.54 11.04
C ARG B 338 -24.77 12.35 9.85
N GLU B 339 -25.67 13.10 9.26
CA GLU B 339 -25.43 13.90 8.06
C GLU B 339 -25.25 15.39 8.45
N TYR B 340 -24.19 16.03 7.92
CA TYR B 340 -23.87 17.42 8.24
C TYR B 340 -24.22 18.35 7.09
N SER B 341 -24.77 19.51 7.40
CA SER B 341 -25.12 20.52 6.40
C SER B 341 -24.82 21.90 6.99
N ALA B 342 -24.70 22.93 6.13
CA ALA B 342 -24.40 24.32 6.50
C ALA B 342 -25.32 24.88 7.60
N ASP B 343 -26.62 24.55 7.54
CA ASP B 343 -27.64 25.02 8.50
C ASP B 343 -27.53 24.35 9.89
N ASN B 344 -27.22 23.02 9.92
CA ASN B 344 -27.16 22.21 11.15
C ASN B 344 -25.89 22.49 11.96
N VAL B 345 -26.07 22.87 13.25
CA VAL B 345 -25.02 23.20 14.21
C VAL B 345 -24.15 21.94 14.52
N ASP B 346 -24.80 20.76 14.57
CA ASP B 346 -24.13 19.54 14.97
C ASP B 346 -24.59 18.26 14.22
N GLY B 347 -25.22 18.42 13.07
CA GLY B 347 -25.60 17.25 12.27
C GLY B 347 -26.97 16.70 12.54
N ASN B 348 -27.44 15.87 11.63
CA ASN B 348 -28.76 15.27 11.68
C ASN B 348 -28.60 13.77 11.77
N LEU B 349 -28.97 13.21 12.91
CA LEU B 349 -28.80 11.78 13.16
C LEU B 349 -30.06 11.02 12.80
N THR B 350 -29.93 9.95 12.02
CA THR B 350 -31.07 9.13 11.65
C THR B 350 -30.75 7.65 11.84
N LEU B 351 -31.66 6.88 12.45
CA LEU B 351 -31.54 5.43 12.56
C LEU B 351 -31.80 4.83 11.20
N VAL B 352 -30.87 4.03 10.67
CA VAL B 352 -31.08 3.48 9.31
C VAL B 352 -31.25 1.96 9.35
N GLU B 353 -30.75 1.27 10.38
CA GLU B 353 -30.83 -0.19 10.43
C GLU B 353 -30.74 -0.69 11.85
N GLU B 354 -31.57 -1.69 12.19
CA GLU B 354 -31.53 -2.38 13.48
C GLU B 354 -31.20 -3.83 13.18
N ILE B 355 -30.03 -4.29 13.62
CA ILE B 355 -29.63 -5.67 13.35
C ILE B 355 -29.86 -6.45 14.60
N LYS B 356 -30.89 -7.31 14.60
CA LYS B 356 -31.33 -8.08 15.77
C LYS B 356 -31.18 -9.58 15.55
N GLU B 357 -31.30 -10.37 16.65
CA GLU B 357 -31.24 -11.84 16.66
C GLU B 357 -30.08 -12.32 15.77
N ILE B 358 -28.87 -11.85 16.07
CA ILE B 358 -27.65 -12.20 15.31
C ILE B 358 -27.24 -13.62 15.69
N PRO B 359 -27.22 -14.58 14.74
CA PRO B 359 -26.81 -15.96 15.11
C PRO B 359 -25.42 -15.97 15.71
N THR B 360 -25.22 -16.81 16.71
CA THR B 360 -23.98 -16.83 17.48
C THR B 360 -22.95 -17.84 16.96
N GLY B 361 -21.69 -17.60 17.32
CA GLY B 361 -20.56 -18.50 17.06
C GLY B 361 -19.91 -18.52 15.68
N SER B 362 -20.18 -17.52 14.82
CA SER B 362 -19.53 -17.48 13.50
C SER B 362 -19.51 -16.06 12.93
N TRP B 363 -18.47 -15.73 12.16
CA TRP B 363 -18.39 -14.44 11.48
C TRP B 363 -19.43 -14.43 10.38
N GLN B 364 -20.25 -13.37 10.30
CA GLN B 364 -21.30 -13.28 9.30
C GLN B 364 -21.22 -11.97 8.55
N LEU B 365 -21.37 -12.02 7.24
CA LEU B 365 -21.30 -10.80 6.46
C LEU B 365 -22.68 -10.12 6.40
N TYR B 366 -22.68 -8.81 6.60
CA TYR B 366 -23.89 -7.98 6.53
C TYR B 366 -23.73 -6.90 5.52
N HIS B 367 -24.83 -6.54 4.86
CA HIS B 367 -24.87 -5.44 3.94
C HIS B 367 -25.97 -4.50 4.38
N VAL B 368 -25.70 -3.19 4.38
CA VAL B 368 -26.68 -2.15 4.75
C VAL B 368 -26.75 -1.13 3.62
N THR B 369 -27.97 -0.89 3.09
CA THR B 369 -28.23 0.09 2.02
C THR B 369 -28.34 1.49 2.61
N LEU B 370 -27.63 2.46 2.00
CA LEU B 370 -27.65 3.85 2.41
C LEU B 370 -27.99 4.72 1.22
N LYS B 371 -28.50 5.93 1.52
CA LYS B 371 -28.84 6.90 0.46
C LYS B 371 -28.44 8.29 0.96
N VAL B 372 -27.16 8.53 1.20
CA VAL B 372 -26.70 9.81 1.76
C VAL B 372 -26.13 10.73 0.67
N THR B 373 -26.46 12.05 0.72
CA THR B 373 -25.98 12.97 -0.32
C THR B 373 -25.04 14.07 0.22
N LYS B 374 -24.92 14.21 1.53
CA LYS B 374 -24.06 15.23 2.13
C LYS B 374 -22.96 14.55 2.97
N LYS B 375 -21.93 15.31 3.43
CA LYS B 375 -20.90 14.70 4.27
C LYS B 375 -21.54 14.08 5.52
N PHE B 376 -21.02 12.95 5.98
CA PHE B 376 -21.66 12.19 7.03
C PHE B 376 -20.73 11.27 7.75
N ARG B 377 -21.22 10.71 8.86
CA ARG B 377 -20.55 9.62 9.56
C ARG B 377 -21.47 8.46 9.74
N VAL B 378 -20.92 7.25 9.72
CA VAL B 378 -21.66 6.01 10.03
C VAL B 378 -21.49 5.85 11.53
N VAL B 379 -22.58 5.57 12.24
CA VAL B 379 -22.56 5.40 13.69
C VAL B 379 -22.98 3.97 14.01
N PHE B 380 -22.08 3.17 14.61
CA PHE B 380 -22.37 1.78 15.00
C PHE B 380 -22.67 1.79 16.45
N GLU B 381 -23.86 1.33 16.84
CA GLU B 381 -24.23 1.33 18.24
C GLU B 381 -24.56 -0.09 18.71
N GLY B 382 -23.70 -0.67 19.53
CA GLY B 382 -23.96 -1.99 20.11
C GLY B 382 -24.88 -1.78 21.29
N ARG B 383 -25.88 -2.67 21.48
CA ARG B 383 -26.80 -2.56 22.62
C ARG B 383 -26.96 -3.89 23.34
N LYS B 384 -26.81 -3.87 24.68
CA LYS B 384 -27.03 -5.05 25.49
C LYS B 384 -28.52 -5.25 25.75
N GLY B 385 -29.01 -6.43 25.38
CA GLY B 385 -30.41 -6.81 25.51
C GLY B 385 -30.75 -7.44 26.84
N SER B 386 -32.01 -7.90 26.96
CA SER B 386 -32.60 -8.51 28.15
C SER B 386 -31.98 -9.86 28.59
N GLY B 387 -31.46 -10.67 27.66
CA GLY B 387 -30.90 -11.97 28.05
C GLY B 387 -29.51 -11.96 28.65
N ALA B 388 -29.19 -12.94 29.57
CA ALA B 388 -27.83 -13.07 30.14
C ALA B 388 -26.83 -13.33 29.03
N SER B 389 -25.62 -12.76 29.16
CA SER B 389 -24.59 -12.89 28.13
C SER B 389 -23.24 -13.26 28.72
N LEU B 390 -22.49 -14.11 28.00
CA LEU B 390 -21.16 -14.50 28.41
C LEU B 390 -20.08 -13.93 27.45
N GLY B 391 -20.50 -13.24 26.37
CA GLY B 391 -19.58 -12.66 25.41
C GLY B 391 -19.99 -11.28 24.96
N GLY B 392 -19.92 -11.04 23.67
CA GLY B 392 -20.32 -9.73 23.16
C GLY B 392 -20.46 -9.76 21.67
N LEU B 393 -20.40 -8.58 21.08
CA LEU B 393 -20.48 -8.39 19.64
C LEU B 393 -19.15 -7.93 19.15
N SER B 394 -18.72 -8.49 18.02
CA SER B 394 -17.46 -8.15 17.37
C SER B 394 -17.74 -7.73 15.93
N ILE B 395 -16.96 -6.79 15.42
CA ILE B 395 -17.08 -6.30 14.05
C ILE B 395 -15.68 -6.22 13.43
N ASP B 396 -15.57 -6.59 12.15
CA ASP B 396 -14.31 -6.54 11.44
C ASP B 396 -14.59 -6.30 9.99
N ASP B 397 -13.54 -5.85 9.22
CA ASP B 397 -13.58 -5.72 7.74
C ASP B 397 -14.80 -4.93 7.27
N ILE B 398 -14.87 -3.68 7.72
CA ILE B 398 -15.90 -2.74 7.33
C ILE B 398 -15.52 -2.17 5.97
N ASN B 399 -16.41 -2.22 4.99
CA ASN B 399 -16.14 -1.55 3.72
C ASN B 399 -17.33 -0.70 3.38
N LEU B 400 -17.09 0.45 2.80
CA LEU B 400 -18.13 1.36 2.35
C LEU B 400 -17.81 1.84 0.96
N SER B 401 -18.74 1.69 0.07
CA SER B 401 -18.60 2.14 -1.33
C SER B 401 -19.91 2.71 -1.81
N GLU B 402 -19.86 3.55 -2.84
CA GLU B 402 -21.06 4.17 -3.44
C GLU B 402 -21.54 3.27 -4.54
N THR B 403 -22.02 2.11 -4.12
CA THR B 403 -22.50 1.03 -5.02
C THR B 403 -23.84 0.51 -4.49
N ARG B 404 -24.54 -0.27 -5.31
CA ARG B 404 -25.77 -0.90 -4.85
C ARG B 404 -25.44 -2.16 -4.05
N CYS B 405 -26.15 -2.38 -2.93
CA CYS B 405 -26.01 -3.61 -2.17
C CYS B 405 -26.48 -4.77 -3.00
N PRO B 406 -25.91 -6.00 -2.81
CA PRO B 406 -26.50 -7.18 -3.46
C PRO B 406 -27.92 -7.34 -2.99
N HIS B 407 -28.82 -7.86 -3.84
CA HIS B 407 -30.20 -8.05 -3.42
C HIS B 407 -30.31 -9.18 -2.42
N HIS B 408 -29.51 -10.23 -2.62
CA HIS B 408 -29.53 -11.43 -1.78
C HIS B 408 -28.16 -11.97 -1.64
N ILE B 409 -27.90 -12.71 -0.56
CA ILE B 409 -26.60 -13.31 -0.37
C ILE B 409 -26.80 -14.77 -0.01
N TRP B 410 -26.10 -15.67 -0.70
CA TRP B 410 -26.13 -17.11 -0.41
C TRP B 410 -24.82 -17.46 0.31
N HIS B 411 -24.95 -17.78 1.57
CA HIS B 411 -23.83 -18.12 2.45
C HIS B 411 -23.71 -19.66 2.53
N ILE B 412 -22.60 -20.20 2.01
CA ILE B 412 -22.38 -21.67 2.02
C ILE B 412 -21.31 -21.97 3.03
N ARG B 413 -21.66 -22.72 4.10
CA ARG B 413 -20.73 -23.08 5.17
C ARG B 413 -20.09 -24.43 4.87
N ASN B 414 -18.93 -24.72 5.46
CA ASN B 414 -18.23 -26.02 5.30
C ASN B 414 -18.07 -26.33 3.82
N PHE B 415 -17.64 -25.34 3.06
CA PHE B 415 -17.58 -25.41 1.61
C PHE B 415 -16.58 -26.41 1.02
N THR B 416 -15.35 -26.46 1.54
CA THR B 416 -14.23 -27.21 0.93
C THR B 416 -14.55 -28.68 0.65
N GLN B 417 -15.28 -29.33 1.55
CA GLN B 417 -15.63 -30.77 1.40
C GLN B 417 -16.33 -31.07 0.03
N PHE B 418 -16.97 -30.07 -0.60
CA PHE B 418 -17.76 -30.30 -1.85
C PHE B 418 -16.99 -30.14 -3.13
N ILE B 419 -15.80 -29.49 -3.08
CA ILE B 419 -15.01 -29.21 -4.30
C ILE B 419 -14.52 -30.51 -4.94
N GLY B 420 -14.98 -30.78 -6.16
CA GLY B 420 -14.62 -31.97 -6.92
C GLY B 420 -15.31 -33.21 -6.42
N SER B 421 -16.30 -33.03 -5.54
CA SER B 421 -16.96 -34.19 -4.93
C SER B 421 -18.29 -34.51 -5.61
N PRO B 422 -18.67 -35.82 -5.73
CA PRO B 422 -19.99 -36.16 -6.30
C PRO B 422 -21.17 -35.48 -5.61
N ASN B 423 -21.06 -35.23 -4.29
CA ASN B 423 -22.13 -34.58 -3.49
C ASN B 423 -22.12 -33.05 -3.61
N GLY B 424 -21.23 -32.52 -4.46
CA GLY B 424 -21.09 -31.07 -4.63
C GLY B 424 -22.11 -30.46 -5.58
N THR B 425 -23.38 -30.87 -5.47
CA THR B 425 -24.50 -30.38 -6.27
C THR B 425 -25.36 -29.58 -5.29
N LEU B 426 -25.10 -28.28 -5.20
CA LEU B 426 -25.75 -27.44 -4.17
C LEU B 426 -26.81 -26.52 -4.73
N TYR B 427 -27.97 -26.46 -4.06
CA TYR B 427 -29.06 -25.56 -4.40
C TYR B 427 -29.22 -24.56 -3.28
N SER B 428 -29.38 -23.28 -3.66
CA SER B 428 -29.56 -22.20 -2.69
C SER B 428 -30.94 -22.23 -2.04
N PRO B 429 -31.13 -21.45 -0.95
CA PRO B 429 -32.50 -21.24 -0.44
C PRO B 429 -33.30 -20.50 -1.54
N PRO B 430 -34.64 -20.52 -1.52
CA PRO B 430 -35.38 -19.73 -2.51
C PRO B 430 -35.29 -18.24 -2.22
N PHE B 431 -35.35 -17.42 -3.26
CA PHE B 431 -35.30 -15.96 -3.16
C PHE B 431 -36.35 -15.35 -4.02
N TYR B 432 -36.76 -14.11 -3.70
CA TYR B 432 -37.69 -13.37 -4.55
C TYR B 432 -36.96 -12.21 -5.19
N SER B 433 -37.03 -12.10 -6.53
CA SER B 433 -36.42 -10.99 -7.27
C SER B 433 -37.21 -9.70 -7.01
N SER B 434 -36.65 -8.54 -7.39
CA SER B 434 -37.31 -7.23 -7.20
C SER B 434 -38.72 -7.19 -7.85
N LYS B 435 -38.88 -7.81 -9.03
CA LYS B 435 -40.17 -7.84 -9.73
C LYS B 435 -41.13 -8.93 -9.18
N GLY B 436 -40.66 -9.74 -8.22
CA GLY B 436 -41.52 -10.75 -7.59
C GLY B 436 -41.37 -12.17 -8.07
N TYR B 437 -40.45 -12.42 -9.00
CA TYR B 437 -40.18 -13.77 -9.49
C TYR B 437 -39.41 -14.57 -8.44
N ALA B 438 -39.81 -15.82 -8.19
CA ALA B 438 -39.10 -16.65 -7.24
C ALA B 438 -37.99 -17.39 -7.98
N PHE B 439 -36.81 -17.49 -7.35
CA PHE B 439 -35.70 -18.14 -8.03
C PHE B 439 -34.81 -18.88 -7.05
N GLN B 440 -33.92 -19.70 -7.61
CA GLN B 440 -32.96 -20.50 -6.86
C GLN B 440 -31.70 -20.63 -7.72
N ILE B 441 -30.55 -20.74 -7.06
CA ILE B 441 -29.27 -20.89 -7.72
C ILE B 441 -28.79 -22.31 -7.55
N TYR B 442 -28.18 -22.86 -8.60
CA TYR B 442 -27.56 -24.20 -8.55
C TYR B 442 -26.04 -24.03 -8.77
N LEU B 443 -25.25 -24.49 -7.80
CA LEU B 443 -23.80 -24.47 -7.88
C LEU B 443 -23.32 -25.91 -8.01
N ASN B 444 -22.71 -26.24 -9.12
CA ASN B 444 -22.22 -27.60 -9.37
C ASN B 444 -20.69 -27.64 -9.19
N LEU B 445 -20.23 -28.31 -8.15
CA LEU B 445 -18.80 -28.44 -7.84
C LEU B 445 -18.28 -29.85 -8.13
N ALA B 446 -19.12 -30.72 -8.71
CA ALA B 446 -18.80 -32.15 -8.90
C ALA B 446 -17.79 -32.43 -10.01
N HIS B 447 -17.62 -31.51 -10.98
CA HIS B 447 -16.66 -31.74 -12.07
C HIS B 447 -15.23 -31.76 -11.51
N VAL B 448 -14.31 -32.48 -12.17
CA VAL B 448 -12.93 -32.60 -11.67
C VAL B 448 -12.15 -31.27 -11.70
N THR B 449 -12.42 -30.39 -12.68
CA THR B 449 -11.64 -29.15 -12.81
C THR B 449 -12.45 -27.82 -12.75
N ASN B 450 -13.71 -27.79 -13.23
CA ASN B 450 -14.50 -26.54 -13.27
C ASN B 450 -15.73 -26.55 -12.39
N ALA B 451 -16.05 -25.41 -11.79
CA ALA B 451 -17.30 -25.20 -11.07
C ALA B 451 -18.32 -24.59 -12.03
N GLY B 452 -19.56 -25.04 -11.94
CA GLY B 452 -20.65 -24.53 -12.77
C GLY B 452 -21.66 -23.80 -11.92
N ILE B 453 -22.36 -22.82 -12.50
CA ILE B 453 -23.40 -22.06 -11.77
C ILE B 453 -24.59 -21.79 -12.70
N TYR B 454 -25.81 -21.98 -12.19
CA TYR B 454 -27.05 -21.87 -12.99
C TYR B 454 -28.13 -21.15 -12.22
N PHE B 455 -28.90 -20.35 -12.93
CA PHE B 455 -30.03 -19.61 -12.40
C PHE B 455 -31.31 -20.32 -12.82
N HIS B 456 -32.19 -20.59 -11.83
CA HIS B 456 -33.51 -21.21 -12.09
C HIS B 456 -34.63 -20.33 -11.62
N LEU B 457 -35.73 -20.25 -12.39
CA LEU B 457 -36.96 -19.68 -11.84
C LEU B 457 -37.69 -20.81 -11.13
N ILE B 458 -38.39 -20.51 -10.01
CA ILE B 458 -39.14 -21.54 -9.28
C ILE B 458 -40.56 -21.06 -9.00
N SER B 459 -41.46 -21.96 -8.60
CA SER B 459 -42.84 -21.52 -8.29
C SER B 459 -42.79 -20.62 -7.04
N GLY B 460 -43.54 -19.53 -7.10
CA GLY B 460 -43.60 -18.53 -6.03
C GLY B 460 -44.98 -17.95 -5.84
N ALA B 461 -45.21 -17.28 -4.69
CA ALA B 461 -46.52 -16.74 -4.31
C ALA B 461 -47.09 -15.71 -5.30
N ASN B 462 -46.24 -14.99 -6.06
CA ASN B 462 -46.72 -13.94 -6.98
C ASN B 462 -47.00 -14.42 -8.41
N ASP B 463 -46.77 -15.71 -8.73
CA ASP B 463 -46.84 -16.25 -10.09
C ASP B 463 -48.12 -15.94 -10.88
N ASP B 464 -49.29 -15.83 -10.22
CA ASP B 464 -50.55 -15.51 -10.90
C ASP B 464 -50.59 -14.06 -11.42
N GLN B 465 -49.77 -13.16 -10.82
CA GLN B 465 -49.78 -11.74 -11.20
C GLN B 465 -48.56 -11.33 -11.99
N LEU B 466 -47.62 -12.26 -12.24
CA LEU B 466 -46.38 -11.96 -12.97
C LEU B 466 -46.50 -12.11 -14.48
N GLN B 467 -45.66 -11.38 -15.24
CA GLN B 467 -45.63 -11.49 -16.69
C GLN B 467 -44.85 -12.77 -17.07
N TRP B 468 -45.44 -13.61 -17.92
CA TRP B 468 -44.84 -14.88 -18.37
C TRP B 468 -44.84 -14.99 -19.90
N PRO B 469 -43.76 -15.48 -20.56
CA PRO B 469 -42.45 -15.87 -20.00
C PRO B 469 -41.74 -14.66 -19.39
N CYS B 470 -40.91 -14.90 -18.38
CA CYS B 470 -40.15 -13.89 -17.64
C CYS B 470 -39.35 -12.94 -18.56
N PRO B 471 -39.70 -11.62 -18.65
CA PRO B 471 -39.03 -10.78 -19.64
C PRO B 471 -37.88 -9.91 -19.12
N TRP B 472 -36.70 -10.17 -19.70
CA TRP B 472 -35.48 -9.40 -19.54
C TRP B 472 -35.08 -9.09 -18.08
N GLN B 473 -35.09 -10.12 -17.23
CA GLN B 473 -34.56 -9.99 -15.88
C GLN B 473 -33.10 -10.41 -15.96
N GLN B 474 -32.18 -9.56 -15.49
CA GLN B 474 -30.77 -9.94 -15.51
C GLN B 474 -30.34 -10.39 -14.15
N ALA B 475 -29.84 -11.63 -14.06
CA ALA B 475 -29.35 -12.21 -12.81
C ALA B 475 -27.85 -12.14 -12.77
N THR B 476 -27.30 -11.47 -11.77
CA THR B 476 -25.85 -11.32 -11.64
C THR B 476 -25.44 -12.14 -10.46
N MET B 477 -24.52 -13.13 -10.68
CA MET B 477 -24.08 -14.02 -9.62
C MET B 477 -22.61 -13.81 -9.39
N THR B 478 -22.22 -13.45 -8.17
CA THR B 478 -20.84 -13.09 -7.87
C THR B 478 -20.26 -13.97 -6.78
N LEU B 479 -19.16 -14.69 -7.09
CA LEU B 479 -18.44 -15.43 -6.06
C LEU B 479 -17.55 -14.42 -5.37
N LEU B 480 -17.84 -14.07 -4.12
CA LEU B 480 -17.13 -13.01 -3.41
C LEU B 480 -15.67 -13.39 -3.07
N ASP B 481 -14.69 -12.53 -3.47
CA ASP B 481 -13.30 -12.70 -3.01
C ASP B 481 -13.26 -11.97 -1.69
N GLN B 482 -13.25 -12.70 -0.57
CA GLN B 482 -13.38 -12.09 0.78
C GLN B 482 -12.09 -11.43 1.27
N ASN B 483 -11.46 -10.64 0.41
CA ASN B 483 -10.29 -9.87 0.85
C ASN B 483 -10.78 -8.82 1.85
N PRO B 484 -10.03 -8.50 2.91
CA PRO B 484 -10.52 -7.48 3.86
C PRO B 484 -10.82 -6.14 3.21
N ASP B 485 -10.11 -5.81 2.09
CA ASP B 485 -10.25 -4.51 1.42
C ASP B 485 -10.99 -4.65 0.13
N ILE B 486 -12.15 -3.99 0.03
CA ILE B 486 -13.01 -4.06 -1.18
C ILE B 486 -12.21 -3.70 -2.47
N ARG B 487 -11.19 -2.81 -2.35
CA ARG B 487 -10.38 -2.40 -3.53
C ARG B 487 -9.48 -3.53 -4.02
N GLN B 488 -9.26 -4.57 -3.19
CA GLN B 488 -8.36 -5.64 -3.62
C GLN B 488 -9.11 -6.94 -3.90
N ARG B 489 -10.44 -6.91 -3.93
CA ARG B 489 -11.21 -8.12 -4.22
C ARG B 489 -11.23 -8.38 -5.71
N MET B 490 -10.89 -9.60 -6.12
CA MET B 490 -11.02 -9.99 -7.54
C MET B 490 -12.19 -10.99 -7.58
N SER B 491 -13.40 -10.51 -7.31
CA SER B 491 -14.58 -11.39 -7.24
C SER B 491 -14.90 -11.94 -8.64
N ASN B 492 -15.42 -13.14 -8.70
CA ASN B 492 -15.69 -13.85 -9.97
C ASN B 492 -17.20 -13.76 -10.26
N GLN B 493 -17.56 -13.00 -11.29
CA GLN B 493 -18.95 -12.66 -11.54
C GLN B 493 -19.40 -13.02 -12.97
N ARG B 494 -20.62 -13.58 -13.09
CA ARG B 494 -21.26 -13.84 -14.39
C ARG B 494 -22.69 -13.41 -14.32
N SER B 495 -23.25 -12.97 -15.45
CA SER B 495 -24.64 -12.58 -15.54
C SER B 495 -25.31 -13.31 -16.66
N ILE B 496 -26.60 -13.55 -16.49
CA ILE B 496 -27.47 -14.09 -17.54
C ILE B 496 -28.74 -13.22 -17.55
N THR B 497 -29.47 -13.23 -18.66
CA THR B 497 -30.71 -12.46 -18.80
C THR B 497 -31.77 -13.38 -19.35
N THR B 498 -32.97 -13.28 -18.80
CA THR B 498 -34.11 -14.08 -19.22
C THR B 498 -34.66 -13.50 -20.51
N ASP B 499 -34.59 -14.29 -21.60
CA ASP B 499 -35.10 -13.90 -22.91
C ASP B 499 -36.46 -14.52 -23.05
N PRO B 500 -37.56 -13.71 -23.08
CA PRO B 500 -38.92 -14.28 -23.12
C PRO B 500 -39.28 -15.00 -24.42
N PHE B 501 -38.42 -14.92 -25.43
CA PHE B 501 -38.69 -15.58 -26.72
C PHE B 501 -37.88 -16.88 -26.83
N MET B 502 -37.04 -17.18 -25.83
CA MET B 502 -36.23 -18.39 -25.81
C MET B 502 -37.11 -19.63 -25.68
N THR B 503 -36.91 -20.60 -26.57
CA THR B 503 -37.71 -21.82 -26.55
C THR B 503 -36.86 -23.05 -26.28
N THR B 504 -37.54 -24.12 -25.81
CA THR B 504 -36.96 -25.44 -25.52
C THR B 504 -37.15 -26.36 -26.74
N ASP B 505 -36.45 -27.51 -26.80
CA ASP B 505 -36.54 -28.49 -27.90
C ASP B 505 -37.99 -28.94 -28.18
N ASN B 506 -38.83 -29.02 -27.11
CA ASN B 506 -40.25 -29.42 -27.22
C ASN B 506 -41.17 -28.24 -27.60
N GLY B 507 -40.59 -27.09 -27.93
CA GLY B 507 -41.36 -25.93 -28.37
C GLY B 507 -41.86 -24.97 -27.32
N ASN B 508 -41.75 -25.33 -26.02
CA ASN B 508 -42.19 -24.45 -24.94
C ASN B 508 -41.21 -23.32 -24.72
N TYR B 509 -41.66 -22.27 -24.01
CA TYR B 509 -40.79 -21.14 -23.65
C TYR B 509 -39.96 -21.52 -22.44
N PHE B 510 -38.64 -21.36 -22.56
CA PHE B 510 -37.69 -21.73 -21.50
C PHE B 510 -38.02 -21.03 -20.17
N TRP B 511 -38.35 -19.72 -20.24
CA TRP B 511 -38.60 -18.92 -19.04
C TRP B 511 -40.09 -18.78 -18.72
N ASP B 512 -40.90 -19.75 -19.15
CA ASP B 512 -42.33 -19.73 -18.82
C ASP B 512 -42.53 -20.09 -17.33
N ARG B 513 -43.78 -19.98 -16.86
CA ARG B 513 -44.18 -20.25 -15.47
C ARG B 513 -43.71 -21.66 -15.02
N PRO B 514 -42.94 -21.78 -13.91
CA PRO B 514 -42.44 -23.11 -13.51
C PRO B 514 -43.53 -24.17 -13.31
N SER B 515 -44.75 -23.78 -12.91
CA SER B 515 -45.87 -24.71 -12.75
C SER B 515 -46.26 -25.34 -14.09
N LYS B 516 -45.92 -24.66 -15.21
CA LYS B 516 -46.23 -25.08 -16.57
C LYS B 516 -45.05 -25.83 -17.21
N VAL B 517 -43.79 -25.37 -17.04
CA VAL B 517 -42.65 -26.00 -17.74
C VAL B 517 -41.60 -26.64 -16.80
N GLY B 518 -41.76 -26.44 -15.51
CA GLY B 518 -40.81 -26.91 -14.53
C GLY B 518 -40.94 -28.34 -14.05
N THR B 519 -39.88 -28.81 -13.40
CA THR B 519 -39.82 -30.16 -12.84
C THR B 519 -40.10 -30.07 -11.35
N VAL B 520 -40.58 -31.17 -10.75
CA VAL B 520 -40.88 -31.22 -9.31
C VAL B 520 -39.59 -31.29 -8.50
N ALA B 521 -39.52 -30.49 -7.43
CA ALA B 521 -38.37 -30.44 -6.54
C ALA B 521 -38.86 -30.27 -5.10
N LEU B 522 -37.99 -30.53 -4.14
CA LEU B 522 -38.32 -30.39 -2.73
C LEU B 522 -37.41 -29.37 -2.07
N PHE B 523 -37.98 -28.54 -1.20
CA PHE B 523 -37.18 -27.62 -0.37
C PHE B 523 -36.54 -28.44 0.74
N SER B 524 -35.55 -27.87 1.48
CA SER B 524 -34.89 -28.58 2.60
C SER B 524 -35.89 -29.11 3.63
N ASN B 525 -37.01 -28.37 3.83
CA ASN B 525 -38.08 -28.71 4.77
C ASN B 525 -39.06 -29.77 4.19
N GLY B 526 -38.86 -30.17 2.93
CA GLY B 526 -39.68 -31.20 2.30
C GLY B 526 -40.90 -30.76 1.50
N THR B 527 -41.18 -29.44 1.47
CA THR B 527 -42.30 -28.88 0.71
C THR B 527 -41.95 -28.96 -0.77
N GLN B 528 -42.92 -29.36 -1.56
CA GLN B 528 -42.81 -29.53 -3.00
C GLN B 528 -42.95 -28.20 -3.72
N PHE B 529 -42.22 -28.05 -4.82
CA PHE B 529 -42.30 -26.89 -5.70
C PHE B 529 -41.89 -27.30 -7.10
N ARG B 530 -42.03 -26.37 -8.07
CA ARG B 530 -41.63 -26.63 -9.44
C ARG B 530 -40.46 -25.73 -9.77
N ARG B 531 -39.42 -26.32 -10.40
CA ARG B 531 -38.19 -25.63 -10.77
C ARG B 531 -38.10 -25.58 -12.30
N GLY B 532 -37.93 -24.37 -12.85
CA GLY B 532 -37.77 -24.24 -14.29
C GLY B 532 -36.37 -24.65 -14.71
N GLY B 533 -36.11 -24.63 -16.01
CA GLY B 533 -34.78 -24.96 -16.52
C GLY B 533 -33.73 -24.03 -15.95
N GLY B 534 -32.52 -24.53 -15.75
CA GLY B 534 -31.41 -23.73 -15.27
C GLY B 534 -30.65 -23.12 -16.41
N TYR B 535 -30.21 -21.90 -16.26
CA TYR B 535 -29.47 -21.16 -17.28
C TYR B 535 -28.22 -20.58 -16.66
N GLY B 536 -27.08 -20.93 -17.23
CA GLY B 536 -25.79 -20.50 -16.66
C GLY B 536 -24.61 -21.05 -17.40
N THR B 537 -23.56 -21.38 -16.67
CA THR B 537 -22.30 -21.84 -17.26
C THR B 537 -21.69 -23.01 -16.51
N SER B 538 -21.09 -23.94 -17.27
CA SER B 538 -20.32 -25.07 -16.71
C SER B 538 -18.87 -24.65 -16.42
N ALA B 539 -18.49 -23.42 -16.80
CA ALA B 539 -17.15 -22.87 -16.60
C ALA B 539 -17.24 -21.54 -15.84
N PHE B 540 -17.85 -21.56 -14.65
CA PHE B 540 -17.96 -20.37 -13.79
C PHE B 540 -16.57 -19.97 -13.27
N ILE B 541 -15.82 -20.95 -12.75
CA ILE B 541 -14.46 -20.76 -12.23
C ILE B 541 -13.78 -22.11 -12.16
N THR B 542 -12.45 -22.18 -12.30
CA THR B 542 -11.78 -23.47 -12.09
C THR B 542 -11.69 -23.73 -10.59
N HIS B 543 -11.62 -25.01 -10.17
CA HIS B 543 -11.45 -25.34 -8.74
C HIS B 543 -10.13 -24.78 -8.21
N GLU B 544 -9.07 -24.74 -9.07
CA GLU B 544 -7.77 -24.17 -8.69
C GLU B 544 -7.91 -22.71 -8.33
N ARG B 545 -8.64 -21.93 -9.14
CA ARG B 545 -8.83 -20.51 -8.82
C ARG B 545 -9.78 -20.34 -7.65
N LEU B 546 -10.80 -21.20 -7.55
CA LEU B 546 -11.75 -21.17 -6.43
C LEU B 546 -11.02 -21.35 -5.09
N LYS B 547 -9.93 -22.13 -5.10
CA LYS B 547 -9.11 -22.38 -3.90
C LYS B 547 -8.03 -21.31 -3.69
N SER B 548 -7.97 -20.31 -4.57
CA SER B 548 -6.97 -19.23 -4.46
C SER B 548 -7.59 -18.01 -3.76
N ARG B 549 -6.76 -17.01 -3.50
CA ARG B 549 -7.19 -15.74 -2.89
C ARG B 549 -8.08 -16.01 -1.66
N ASP B 550 -9.20 -15.29 -1.51
CA ASP B 550 -10.06 -15.43 -0.33
C ASP B 550 -11.48 -15.81 -0.72
N PHE B 551 -11.67 -16.56 -1.80
CA PHE B 551 -13.05 -17.00 -2.15
C PHE B 551 -13.60 -17.86 -0.99
N ILE B 552 -12.74 -18.71 -0.42
CA ILE B 552 -13.08 -19.53 0.74
C ILE B 552 -12.35 -18.93 1.92
N LYS B 553 -13.08 -18.63 2.98
CA LYS B 553 -12.45 -18.03 4.16
C LYS B 553 -13.18 -18.54 5.38
N GLY B 554 -12.45 -19.20 6.28
CA GLY B 554 -13.06 -19.88 7.43
C GLY B 554 -13.99 -20.95 6.91
N ASP B 555 -13.66 -21.52 5.72
CA ASP B 555 -14.45 -22.56 5.05
C ASP B 555 -15.86 -22.07 4.63
N ASP B 556 -16.08 -20.73 4.59
CA ASP B 556 -17.33 -20.07 4.15
C ASP B 556 -17.16 -19.55 2.74
N VAL B 557 -18.23 -19.59 1.96
CA VAL B 557 -18.28 -18.98 0.63
C VAL B 557 -19.54 -18.12 0.59
N TYR B 558 -19.47 -16.98 -0.10
CA TYR B 558 -20.61 -16.12 -0.34
C TYR B 558 -20.83 -15.94 -1.85
N ILE B 559 -22.05 -16.23 -2.31
CA ILE B 559 -22.48 -15.91 -3.67
C ILE B 559 -23.41 -14.72 -3.53
N LEU B 560 -23.03 -13.57 -4.07
CA LEU B 560 -23.88 -12.34 -4.06
C LEU B 560 -24.81 -12.37 -5.24
N LEU B 561 -26.07 -11.99 -5.04
CA LEU B 561 -27.09 -12.10 -6.10
C LEU B 561 -27.87 -10.81 -6.26
N THR B 562 -28.02 -10.37 -7.52
CA THR B 562 -28.82 -9.21 -7.89
C THR B 562 -29.64 -9.67 -9.11
N VAL B 563 -30.94 -9.47 -9.05
CA VAL B 563 -31.83 -9.89 -10.16
C VAL B 563 -32.65 -8.67 -10.46
N GLU B 564 -32.42 -8.03 -11.59
CA GLU B 564 -33.16 -6.81 -11.87
C GLU B 564 -33.65 -6.74 -13.29
N ASP B 565 -34.72 -5.95 -13.48
CA ASP B 565 -35.32 -5.75 -14.78
C ASP B 565 -34.40 -4.84 -15.61
N ILE B 566 -34.02 -5.30 -16.82
CA ILE B 566 -33.15 -4.45 -17.65
C ILE B 566 -33.86 -4.13 -18.99
N SER B 567 -35.20 -4.23 -19.04
CA SER B 567 -35.94 -3.90 -20.26
C SER B 567 -35.72 -2.43 -20.67
N HIS B 568 -35.32 -1.52 -19.72
CA HIS B 568 -35.04 -0.11 -20.01
C HIS B 568 -33.77 0.04 -20.88
N LEU B 569 -32.92 -1.02 -20.95
CA LEU B 569 -31.70 -0.97 -21.76
C LEU B 569 -32.00 -1.28 -23.23
N ASN B 570 -33.24 -1.67 -23.59
CA ASN B 570 -33.61 -1.98 -24.98
C ASN B 570 -33.42 -0.74 -25.87
N SER B 571 -33.49 0.47 -25.27
CA SER B 571 -33.36 1.78 -25.92
C SER B 571 -31.94 2.00 -26.47
#